data_4CA8
#
_entry.id   4CA8
#
_cell.length_a   172.890
_cell.length_b   172.890
_cell.length_c   100.480
_cell.angle_alpha   90.00
_cell.angle_beta   90.00
_cell.angle_gamma   120.00
#
_symmetry.space_group_name_H-M   'H 3'
#
loop_
_entity.id
_entity.type
_entity.pdbx_description
1 polymer 'ANGIOTENSIN-CONVERTING ENZYME'
2 branched beta-D-mannopyranose-(1-6)-alpha-D-mannopyranose-(1-3)-[alpha-D-mannopyranose-(1-6)]beta-D-mannopyranose-(1-4)-2-acetamido-2-deoxy-beta-D-glucopyranose-(1-4)-2-acetamido-2-deoxy-beta-D-glucopyranose
3 non-polymer [(2S)-2-({3-[HYDROXYL(2-PHENYL-(1R)-1-{[(BENZYLOXY)[(2S)-2-({3-[HYDROXYL(2-PHENYL-(1R)-1-CARBONYL]-AMINO}ETHYL)PHOSPHINYL]-2-[(3-PHENYLISOXAZOL-5-YL)METHYL]-1-OXO-PROPYL}AMINO)-3-(4-HYDROXY-PHENYL)
4 non-polymer 'SULFATE ION'
5 non-polymer 'ZINC ION'
6 non-polymer 2-acetamido-2-deoxy-beta-D-glucopyranose
7 water water
#
_entity_poly.entity_id   1
_entity_poly.type   'polypeptide(L)'
_entity_poly.pdbx_seq_one_letter_code
;ALVKEEIQAKEYLENLNKELAKRTNVETEAAWAYGSNITDENEKKKNEISAELAKFMKEVASDTTKFQWRSYQSEDLKRQ
FKALTKLGYAALPEDDYAELLDTLSAMESNFAKVKVCDYKDSTKCDLALDPEIEEVISKSRDHEELAYYWREFYDKAGTA
VRSQFERYVELNTKAAKLNNFTSGAEAWLDEYEDDTFEQQLEDIFADIRPLYQQIHGYVRFRLRKHYGDAVVSETGPIPM
HLLGNMWAQQWSEIADIVSPFPEKPLVDVSAEMEKQGYTPLKMFQMGDDFFTSMNLTKLPQDFWDKSIIEKPTDGRDLVC
HASAWDFYLTDDVRIKQCTRVTQDQLFTVHHELGHIQYFLQYQHQPFVYRTGANPGFHEAVGDVLSLSVSTPKHLEKIGL
LKDYVRDDEARINQLFLTALDKIVFLPFAFTMDKYRWSLFRGEVDKANWNCAFWKLRDEYSGIEPPVVRSEKDFDAPAKY
HISADVEYLRYLVSFIIQFQFYKSACIKAGQYDPDNVELPLDNCDIYGSAAAGAAFHNMLSMGASKPWPDALEAFNGERI
MSGKAIAEYFEPLRVWLEAENIKNNVHIGWTTSNKCVS
;
_entity_poly.pdbx_strand_id   A
#
loop_
_chem_comp.id
_chem_comp.type
_chem_comp.name
_chem_comp.formula
3ES non-polymer [(2S)-2-({3-[HYDROXYL(2-PHENYL-(1R)-1-{[(BENZYLOXY)[(2S)-2-({3-[HYDROXYL(2-PHENYL-(1R)-1-CARBONYL]-AMINO}ETHYL)PHOSPHINYL]-2-[(3-PHENYLISOXAZOL-5-YL)METHYL]-1-OXO-PROPYL}AMINO)-3-(4-HYDROXY-PHENYL) 'C38 H38 N3 O9 P'
BMA D-saccharide, beta linking beta-D-mannopyranose 'C6 H12 O6'
MAN D-saccharide, alpha linking alpha-D-mannopyranose 'C6 H12 O6'
NAG D-saccharide, beta linking 2-acetamido-2-deoxy-beta-D-glucopyranose 'C8 H15 N O6'
SO4 non-polymer 'SULFATE ION' 'O4 S -2'
ZN non-polymer 'ZINC ION' 'Zn 2'
#
# COMPACT_ATOMS: atom_id res chain seq x y z
N ALA A 1 38.92 -27.06 8.01
CA ALA A 1 38.91 -26.19 6.81
C ALA A 1 37.51 -25.61 6.56
N LEU A 2 37.47 -24.46 5.90
CA LEU A 2 36.22 -23.78 5.55
C LEU A 2 35.56 -24.40 4.33
N VAL A 3 36.33 -25.10 3.51
CA VAL A 3 35.79 -25.74 2.31
C VAL A 3 34.75 -26.81 2.68
N LYS A 4 35.12 -27.68 3.61
CA LYS A 4 34.21 -28.72 4.10
C LYS A 4 33.01 -28.10 4.85
N GLU A 5 33.28 -27.07 5.64
CA GLU A 5 32.21 -26.42 6.41
C GLU A 5 31.17 -25.74 5.51
N GLU A 6 31.63 -25.13 4.43
CA GLU A 6 30.73 -24.45 3.51
C GLU A 6 29.82 -25.45 2.79
N ILE A 7 30.34 -26.65 2.52
CA ILE A 7 29.51 -27.74 2.00
C ILE A 7 28.45 -28.16 3.03
N GLN A 8 28.84 -28.30 4.29
CA GLN A 8 27.87 -28.64 5.34
C GLN A 8 26.83 -27.54 5.55
N ALA A 9 27.29 -26.29 5.47
CA ALA A 9 26.41 -25.13 5.67
C ALA A 9 25.32 -25.12 4.61
N LYS A 10 25.72 -25.45 3.38
CA LYS A 10 24.80 -25.51 2.28
C LYS A 10 23.66 -26.50 2.53
N GLU A 11 23.98 -27.66 3.10
CA GLU A 11 22.97 -28.67 3.43
C GLU A 11 22.17 -28.26 4.65
N TYR A 12 22.82 -27.59 5.58
CA TYR A 12 22.14 -27.07 6.76
C TYR A 12 21.06 -26.05 6.36
N LEU A 13 21.39 -25.15 5.44
CA LEU A 13 20.44 -24.13 5.03
C LEU A 13 19.27 -24.76 4.27
N GLU A 14 19.59 -25.74 3.42
CA GLU A 14 18.58 -26.39 2.61
C GLU A 14 17.51 -27.02 3.51
N ASN A 15 17.91 -27.73 4.56
CA ASN A 15 16.95 -28.34 5.48
CA ASN A 15 16.96 -28.34 5.51
C ASN A 15 16.25 -27.28 6.32
N LEU A 16 17.00 -26.29 6.79
CA LEU A 16 16.45 -25.25 7.63
C LEU A 16 15.39 -24.38 6.93
N ASN A 17 15.66 -23.99 5.68
CA ASN A 17 14.66 -23.25 4.91
C ASN A 17 13.32 -23.99 4.87
N LYS A 18 13.36 -25.27 4.49
CA LYS A 18 12.15 -26.11 4.46
C LYS A 18 11.45 -26.21 5.81
N GLU A 19 12.23 -26.26 6.87
CA GLU A 19 11.67 -26.25 8.21
C GLU A 19 10.97 -24.91 8.54
N LEU A 20 11.61 -23.80 8.17
CA LEU A 20 11.03 -22.48 8.41
C LEU A 20 9.72 -22.30 7.64
N ALA A 21 9.70 -22.75 6.39
CA ALA A 21 8.48 -22.72 5.56
C ALA A 21 7.35 -23.47 6.26
N LYS A 22 7.65 -24.67 6.71
CA LYS A 22 6.66 -25.50 7.35
C LYS A 22 6.16 -24.91 8.67
N ARG A 23 7.06 -24.36 9.47
CA ARG A 23 6.67 -23.75 10.74
C ARG A 23 5.89 -22.47 10.54
N THR A 24 6.22 -21.72 9.50
CA THR A 24 5.55 -20.46 9.22
C THR A 24 4.13 -20.71 8.71
N ASN A 25 3.98 -21.74 7.88
CA ASN A 25 2.67 -22.22 7.43
C ASN A 25 1.68 -22.36 8.58
N VAL A 26 2.13 -22.95 9.67
CA VAL A 26 1.30 -23.14 10.84
C VAL A 26 0.93 -21.79 11.45
N GLU A 27 1.89 -20.86 11.49
CA GLU A 27 1.60 -19.52 12.00
C GLU A 27 0.64 -18.78 11.06
N THR A 28 0.92 -18.87 9.77
CA THR A 28 0.12 -18.21 8.74
C THR A 28 -1.34 -18.69 8.78
N GLU A 29 -1.56 -20.00 8.97
CA GLU A 29 -2.92 -20.54 9.07
C GLU A 29 -3.64 -19.94 10.25
N ALA A 30 -2.92 -19.81 11.37
CA ALA A 30 -3.51 -19.28 12.58
C ALA A 30 -3.81 -17.80 12.44
N ALA A 31 -2.94 -17.07 11.75
CA ALA A 31 -3.16 -15.65 11.46
C ALA A 31 -4.36 -15.47 10.51
N TRP A 32 -4.41 -16.32 9.47
CA TRP A 32 -5.50 -16.33 8.51
C TRP A 32 -6.83 -16.56 9.20
N ALA A 33 -6.86 -17.51 10.14
CA ALA A 33 -8.10 -17.82 10.88
C ALA A 33 -8.55 -16.66 11.74
N TYR A 34 -7.59 -15.94 12.33
CA TYR A 34 -7.92 -14.81 13.19
C TYR A 34 -8.51 -13.66 12.39
N GLY A 35 -7.88 -13.37 11.25
CA GLY A 35 -8.26 -12.25 10.41
C GLY A 35 -9.58 -12.46 9.70
N SER A 36 -9.93 -13.74 9.47
CA SER A 36 -11.18 -14.11 8.81
C SER A 36 -12.29 -14.23 9.82
N ASN A 37 -11.95 -14.22 11.10
CA ASN A 37 -12.91 -14.54 12.14
C ASN A 37 -12.32 -14.18 13.50
N ILE A 38 -12.52 -12.92 13.89
CA ILE A 38 -11.88 -12.36 15.09
C ILE A 38 -12.60 -12.80 16.36
N THR A 39 -11.93 -13.63 17.15
CA THR A 39 -12.46 -14.09 18.44
C THR A 39 -11.30 -14.16 19.43
N ASP A 40 -11.61 -14.15 20.72
CA ASP A 40 -10.57 -14.27 21.76
C ASP A 40 -9.79 -15.57 21.63
N GLU A 41 -10.52 -16.66 21.33
CA GLU A 41 -9.92 -17.97 21.10
C GLU A 41 -8.92 -17.94 19.94
N ASN A 42 -9.34 -17.41 18.78
CA ASN A 42 -8.46 -17.33 17.62
C ASN A 42 -7.24 -16.40 17.84
N GLU A 43 -7.42 -15.34 18.63
CA GLU A 43 -6.33 -14.44 18.98
C GLU A 43 -5.27 -15.17 19.79
N LYS A 44 -5.72 -15.77 20.88
CA LYS A 44 -4.89 -16.59 21.76
C LYS A 44 -4.04 -17.58 20.95
N LYS A 45 -4.67 -18.25 19.99
CA LYS A 45 -3.98 -19.26 19.20
C LYS A 45 -2.98 -18.70 18.20
N LYS A 46 -3.39 -17.64 17.49
CA LYS A 46 -2.48 -16.89 16.62
C LYS A 46 -1.21 -16.48 17.38
N ASN A 47 -1.41 -15.84 18.53
CA ASN A 47 -0.31 -15.29 19.31
C ASN A 47 0.56 -16.35 19.97
N GLU A 48 -0.04 -17.47 20.34
CA GLU A 48 0.71 -18.58 20.93
C GLU A 48 1.58 -19.30 19.90
N ILE A 49 1.08 -19.46 18.67
CA ILE A 49 1.87 -20.07 17.60
C ILE A 49 3.05 -19.15 17.23
N SER A 50 2.79 -17.85 17.16
CA SER A 50 3.83 -16.89 16.81
C SER A 50 4.97 -16.91 17.81
N ALA A 51 4.59 -16.91 19.09
CA ALA A 51 5.53 -17.06 20.20
C ALA A 51 6.41 -18.30 20.01
N GLU A 52 5.79 -19.43 19.65
CA GLU A 52 6.55 -20.67 19.39
C GLU A 52 7.53 -20.48 18.24
N LEU A 53 7.08 -19.90 17.14
CA LEU A 53 7.95 -19.66 15.99
C LEU A 53 9.07 -18.65 16.34
N ALA A 54 8.74 -17.60 17.09
CA ALA A 54 9.73 -16.64 17.56
C ALA A 54 10.87 -17.34 18.29
N LYS A 55 10.48 -18.22 19.21
CA LYS A 55 11.42 -19.03 19.99
C LYS A 55 12.35 -19.84 19.09
N PHE A 56 11.78 -20.50 18.10
CA PHE A 56 12.58 -21.28 17.18
C PHE A 56 13.55 -20.42 16.39
N MET A 57 13.14 -19.21 15.98
CA MET A 57 14.02 -18.34 15.21
C MET A 57 15.20 -17.83 16.05
N LYS A 58 14.95 -17.52 17.32
CA LYS A 58 16.04 -17.24 18.29
C LYS A 58 17.12 -18.32 18.24
N GLU A 59 16.66 -19.57 18.35
CA GLU A 59 17.53 -20.74 18.31
C GLU A 59 18.33 -20.75 16.99
N VAL A 60 17.64 -20.49 15.89
CA VAL A 60 18.31 -20.46 14.59
C VAL A 60 19.40 -19.39 14.52
N ALA A 61 19.07 -18.18 14.97
CA ALA A 61 20.02 -17.07 14.96
C ALA A 61 21.26 -17.43 15.77
N SER A 62 21.04 -18.03 16.92
CA SER A 62 22.13 -18.50 17.74
C SER A 62 22.97 -19.56 17.01
N ASP A 63 22.31 -20.51 16.36
CA ASP A 63 23.01 -21.54 15.60
C ASP A 63 23.84 -21.03 14.43
N THR A 64 23.48 -19.88 13.85
CA THR A 64 24.29 -19.33 12.76
C THR A 64 25.73 -19.02 13.21
N THR A 65 25.91 -18.71 14.50
CA THR A 65 27.24 -18.33 15.00
C THR A 65 28.21 -19.50 15.02
N LYS A 66 27.70 -20.71 14.86
CA LYS A 66 28.54 -21.89 14.79
C LYS A 66 29.10 -22.11 13.39
N PHE A 67 28.68 -21.28 12.44
CA PHE A 67 29.19 -21.33 11.08
C PHE A 67 29.97 -20.06 10.81
N GLN A 68 31.14 -20.20 10.17
CA GLN A 68 31.97 -19.07 9.77
C GLN A 68 31.44 -18.45 8.51
N TRP A 69 30.18 -18.06 8.49
CA TRP A 69 29.50 -17.79 7.22
C TRP A 69 30.04 -16.56 6.49
N ARG A 70 30.51 -15.56 7.25
CA ARG A 70 31.10 -14.38 6.64
C ARG A 70 32.40 -14.71 5.88
N SER A 71 32.99 -15.86 6.14
CA SER A 71 34.23 -16.26 5.47
C SER A 71 34.00 -17.02 4.17
N TYR A 72 32.75 -17.34 3.85
CA TYR A 72 32.45 -18.25 2.76
C TYR A 72 32.66 -17.63 1.37
N GLN A 73 32.81 -18.49 0.37
CA GLN A 73 32.98 -18.05 -1.01
C GLN A 73 31.65 -17.68 -1.68
N SER A 74 30.58 -18.41 -1.35
CA SER A 74 29.29 -18.21 -2.00
C SER A 74 28.55 -16.97 -1.51
N GLU A 75 28.33 -16.01 -2.40
CA GLU A 75 27.47 -14.86 -2.08
C GLU A 75 26.07 -15.30 -1.71
N ASP A 76 25.59 -16.35 -2.36
CA ASP A 76 24.24 -16.88 -2.11
C ASP A 76 24.13 -17.46 -0.70
N LEU A 77 25.07 -18.31 -0.31
CA LEU A 77 25.05 -18.87 1.05
C LEU A 77 25.14 -17.75 2.09
N LYS A 78 26.06 -16.82 1.86
CA LYS A 78 26.22 -15.67 2.76
C LYS A 78 24.95 -14.86 2.89
N ARG A 79 24.27 -14.63 1.77
CA ARG A 79 23.04 -13.85 1.80
C ARG A 79 21.96 -14.54 2.62
N GLN A 80 21.83 -15.85 2.47
CA GLN A 80 20.87 -16.64 3.25
C GLN A 80 21.14 -16.62 4.75
N PHE A 81 22.40 -16.77 5.12
CA PHE A 81 22.80 -16.69 6.53
C PHE A 81 22.49 -15.31 7.12
N LYS A 82 22.85 -14.25 6.41
CA LYS A 82 22.53 -12.90 6.84
C LYS A 82 21.03 -12.74 7.11
N ALA A 83 20.19 -13.26 6.21
CA ALA A 83 18.74 -13.23 6.40
C ALA A 83 18.32 -13.91 7.71
N LEU A 84 18.92 -15.07 8.02
CA LEU A 84 18.60 -15.80 9.27
C LEU A 84 19.06 -15.12 10.55
N THR A 85 20.03 -14.23 10.47
CA THR A 85 20.48 -13.50 11.67
C THR A 85 19.51 -12.38 12.04
N LYS A 86 18.63 -12.00 11.11
CA LYS A 86 17.73 -10.88 11.34
C LYS A 86 16.45 -11.41 11.94
N LEU A 87 16.26 -11.14 13.23
CA LEU A 87 15.18 -11.71 14.01
C LEU A 87 13.91 -10.88 14.10
N GLY A 88 14.02 -9.57 13.90
CA GLY A 88 12.90 -8.67 14.14
C GLY A 88 12.40 -8.77 15.57
N TYR A 89 11.08 -8.80 15.74
CA TYR A 89 10.48 -8.88 17.06
C TYR A 89 10.87 -10.14 17.80
N ALA A 90 11.21 -11.19 17.06
CA ALA A 90 11.64 -12.44 17.68
C ALA A 90 12.89 -12.33 18.54
N ALA A 91 13.64 -11.23 18.44
CA ALA A 91 14.76 -10.98 19.35
C ALA A 91 14.34 -10.66 20.79
N LEU A 92 13.07 -10.31 21.00
CA LEU A 92 12.61 -9.93 22.33
C LEU A 92 12.56 -11.10 23.33
N PRO A 93 12.78 -10.81 24.62
CA PRO A 93 12.50 -11.82 25.63
C PRO A 93 11.08 -12.34 25.47
N GLU A 94 10.90 -13.60 25.88
CA GLU A 94 9.65 -14.33 25.73
C GLU A 94 8.45 -13.52 26.18
N ASP A 95 8.53 -12.98 27.40
CA ASP A 95 7.40 -12.21 27.96
C ASP A 95 7.15 -10.92 27.19
N ASP A 96 8.22 -10.22 26.82
CA ASP A 96 8.11 -8.97 26.05
C ASP A 96 7.48 -9.19 24.69
N TYR A 97 7.88 -10.28 24.04
CA TYR A 97 7.33 -10.65 22.76
C TYR A 97 5.84 -10.93 22.86
N ALA A 98 5.43 -11.64 23.91
CA ALA A 98 4.01 -11.95 24.12
C ALA A 98 3.17 -10.70 24.38
N GLU A 99 3.71 -9.79 25.17
CA GLU A 99 3.05 -8.49 25.41
C GLU A 99 2.87 -7.71 24.11
N LEU A 100 3.92 -7.68 23.28
CA LEU A 100 3.85 -7.03 21.98
C LEU A 100 2.73 -7.63 21.13
N LEU A 101 2.68 -8.95 21.01
CA LEU A 101 1.65 -9.60 20.22
C LEU A 101 0.24 -9.29 20.73
N ASP A 102 0.06 -9.25 22.05
CA ASP A 102 -1.23 -8.87 22.61
C ASP A 102 -1.53 -7.41 22.30
N THR A 103 -0.49 -6.59 22.27
CA THR A 103 -0.65 -5.17 21.94
C THR A 103 -1.07 -4.97 20.49
N LEU A 104 -0.44 -5.70 19.57
CA LEU A 104 -0.75 -5.62 18.15
C LEU A 104 -2.16 -6.12 17.83
N SER A 105 -2.57 -7.22 18.45
CA SER A 105 -3.92 -7.75 18.21
C SER A 105 -4.97 -6.84 18.84
N ALA A 106 -4.64 -6.23 19.98
CA ALA A 106 -5.54 -5.26 20.60
C ALA A 106 -5.81 -4.12 19.61
N MET A 107 -4.76 -3.64 18.95
CA MET A 107 -4.88 -2.56 17.98
C MET A 107 -5.60 -2.96 16.70
N GLU A 108 -5.25 -4.11 16.12
CA GLU A 108 -5.87 -4.53 14.87
C GLU A 108 -7.34 -4.90 15.07
N SER A 109 -7.66 -5.51 16.20
CA SER A 109 -9.06 -5.90 16.47
C SER A 109 -9.90 -4.66 16.76
N ASN A 110 -9.36 -3.70 17.50
CA ASN A 110 -10.04 -2.42 17.69
C ASN A 110 -10.39 -1.78 16.34
N PHE A 111 -9.38 -1.66 15.46
CA PHE A 111 -9.63 -1.10 14.14
C PHE A 111 -10.77 -1.84 13.44
N ALA A 112 -10.69 -3.17 13.44
CA ALA A 112 -11.62 -4.01 12.69
C ALA A 112 -13.06 -3.94 13.24
N LYS A 113 -13.19 -3.65 14.53
CA LYS A 113 -14.50 -3.65 15.18
C LYS A 113 -15.18 -2.30 15.28
N VAL A 114 -14.57 -1.26 14.71
CA VAL A 114 -15.15 0.08 14.79
C VAL A 114 -16.54 0.12 14.12
N LYS A 115 -17.51 0.64 14.87
CA LYS A 115 -18.87 0.85 14.38
C LYS A 115 -19.27 2.26 14.72
N VAL A 116 -19.93 2.95 13.82
CA VAL A 116 -20.41 4.32 14.11
C VAL A 116 -21.93 4.37 13.97
N CYS A 117 -22.53 5.44 14.50
CA CYS A 117 -23.97 5.64 14.40
C CYS A 117 -24.30 6.41 13.13
N ASP A 118 -25.38 6.02 12.48
CA ASP A 118 -25.85 6.70 11.29
C ASP A 118 -26.07 8.19 11.58
N TYR A 119 -25.51 9.04 10.73
CA TYR A 119 -25.70 10.49 10.82
C TYR A 119 -27.16 10.88 10.97
N LYS A 120 -28.04 10.24 10.20
CA LYS A 120 -29.47 10.59 10.16
C LYS A 120 -30.33 9.76 11.11
N ASP A 121 -29.71 8.82 11.82
CA ASP A 121 -30.44 7.88 12.66
C ASP A 121 -29.52 7.27 13.71
N SER A 122 -29.43 7.92 14.86
CA SER A 122 -28.50 7.48 15.92
C SER A 122 -28.97 6.23 16.68
N THR A 123 -30.08 5.63 16.25
CA THR A 123 -30.47 4.31 16.76
C THR A 123 -29.79 3.19 15.97
N LYS A 124 -29.45 3.47 14.72
CA LYS A 124 -28.74 2.53 13.86
C LYS A 124 -27.21 2.73 14.00
N CYS A 125 -26.55 1.92 14.83
CA CYS A 125 -25.11 2.09 15.11
C CYS A 125 -24.23 0.91 14.71
N ASP A 126 -24.49 0.35 13.54
CA ASP A 126 -23.74 -0.79 13.03
C ASP A 126 -23.01 -0.45 11.71
N LEU A 127 -22.65 0.82 11.52
CA LEU A 127 -21.93 1.23 10.31
C LEU A 127 -20.44 0.98 10.48
N ALA A 128 -19.86 0.22 9.57
CA ALA A 128 -18.45 -0.11 9.60
C ALA A 128 -17.70 0.67 8.54
N LEU A 129 -16.41 0.91 8.76
CA LEU A 129 -15.63 1.63 7.76
C LEU A 129 -15.90 1.08 6.39
N ASP A 130 -15.72 -0.23 6.26
CA ASP A 130 -15.91 -0.93 5.00
C ASP A 130 -17.13 -1.83 5.13
N PRO A 131 -18.19 -1.55 4.36
CA PRO A 131 -18.37 -0.57 3.30
C PRO A 131 -19.07 0.75 3.72
N GLU A 132 -19.81 0.77 4.83
CA GLU A 132 -20.74 1.88 5.07
C GLU A 132 -20.11 3.27 5.16
N ILE A 133 -19.12 3.45 6.01
CA ILE A 133 -18.56 4.77 6.18
C ILE A 133 -17.81 5.23 4.92
N GLU A 134 -17.05 4.33 4.30
CA GLU A 134 -16.32 4.66 3.06
C GLU A 134 -17.24 5.02 1.90
N GLU A 135 -18.41 4.40 1.83
CA GLU A 135 -19.41 4.78 0.82
C GLU A 135 -19.79 6.25 0.99
N VAL A 136 -20.01 6.67 2.23
CA VAL A 136 -20.42 8.05 2.52
C VAL A 136 -19.31 9.05 2.22
N ILE A 137 -18.10 8.77 2.71
CA ILE A 137 -16.96 9.64 2.48
C ILE A 137 -16.76 9.87 1.00
N SER A 138 -16.95 8.84 0.19
CA SER A 138 -16.71 8.92 -1.26
C SER A 138 -17.84 9.57 -2.05
N LYS A 139 -19.07 9.49 -1.57
CA LYS A 139 -20.22 9.94 -2.35
C LYS A 139 -20.88 11.21 -1.84
N SER A 140 -21.05 11.32 -0.52
CA SER A 140 -21.71 12.50 0.05
C SER A 140 -20.96 13.79 -0.33
N ARG A 141 -21.72 14.81 -0.69
CA ARG A 141 -21.18 16.17 -0.89
C ARG A 141 -21.83 17.12 0.11
N ASP A 142 -22.19 16.58 1.27
CA ASP A 142 -22.67 17.39 2.38
C ASP A 142 -21.51 17.47 3.37
N HIS A 143 -20.89 18.65 3.48
CA HIS A 143 -19.68 18.80 4.27
C HIS A 143 -19.87 18.55 5.77
N GLU A 144 -21.06 18.82 6.32
CA GLU A 144 -21.30 18.51 7.74
C GLU A 144 -21.46 17.02 7.98
N GLU A 145 -22.14 16.33 7.07
CA GLU A 145 -22.26 14.88 7.15
C GLU A 145 -20.86 14.25 7.04
N LEU A 146 -20.09 14.70 6.08
CA LEU A 146 -18.69 14.27 5.95
C LEU A 146 -17.90 14.47 7.25
N ALA A 147 -18.02 15.64 7.87
CA ALA A 147 -17.26 15.92 9.09
C ALA A 147 -17.75 15.08 10.27
N TYR A 148 -19.03 14.73 10.28
CA TYR A 148 -19.56 13.92 11.37
C TYR A 148 -18.93 12.53 11.37
N TYR A 149 -18.90 11.90 10.19
CA TYR A 149 -18.31 10.58 10.03
C TYR A 149 -16.81 10.56 10.28
N TRP A 150 -16.12 11.60 9.82
CA TRP A 150 -14.68 11.78 10.09
C TRP A 150 -14.40 11.75 11.59
N ARG A 151 -15.11 12.58 12.35
CA ARG A 151 -14.88 12.68 13.78
C ARG A 151 -15.24 11.37 14.49
N GLU A 152 -16.30 10.70 14.07
CA GLU A 152 -16.71 9.48 14.73
C GLU A 152 -15.66 8.41 14.47
N PHE A 153 -15.23 8.28 13.22
CA PHE A 153 -14.27 7.23 12.90
C PHE A 153 -12.95 7.45 13.64
N TYR A 154 -12.37 8.64 13.48
CA TYR A 154 -11.07 8.95 14.08
C TYR A 154 -11.10 8.83 15.60
N ASP A 155 -12.18 9.25 16.25
CA ASP A 155 -12.28 9.09 17.71
C ASP A 155 -12.23 7.60 18.11
N LYS A 156 -12.89 6.72 17.34
CA LYS A 156 -12.94 5.28 17.68
C LYS A 156 -11.74 4.43 17.22
N ALA A 157 -11.19 4.75 16.04
CA ALA A 157 -10.09 3.97 15.47
C ALA A 157 -8.72 4.49 15.86
N GLY A 158 -8.68 5.75 16.28
CA GLY A 158 -7.43 6.43 16.59
C GLY A 158 -7.24 6.60 18.07
N THR A 159 -7.88 7.60 18.62
CA THR A 159 -7.76 7.93 20.03
C THR A 159 -7.93 6.74 20.99
N ALA A 160 -8.83 5.83 20.65
CA ALA A 160 -9.11 4.67 21.49
C ALA A 160 -7.88 3.78 21.78
N VAL A 161 -6.86 3.80 20.92
CA VAL A 161 -5.73 2.90 21.10
C VAL A 161 -4.41 3.62 21.41
N ARG A 162 -4.48 4.84 21.94
CA ARG A 162 -3.28 5.59 22.28
C ARG A 162 -2.31 4.84 23.20
N SER A 163 -2.81 4.32 24.32
CA SER A 163 -1.90 3.69 25.29
C SER A 163 -1.30 2.38 24.75
N GLN A 164 -2.06 1.65 23.94
CA GLN A 164 -1.53 0.44 23.29
C GLN A 164 -0.46 0.84 22.28
N PHE A 165 -0.73 1.90 21.55
CA PHE A 165 0.21 2.37 20.55
C PHE A 165 1.54 2.79 21.19
N GLU A 166 1.45 3.51 22.31
CA GLU A 166 2.64 3.89 23.09
C GLU A 166 3.47 2.69 23.50
N ARG A 167 2.81 1.66 24.00
CA ARG A 167 3.50 0.47 24.43
C ARG A 167 4.14 -0.25 23.24
N TYR A 168 3.46 -0.24 22.09
CA TYR A 168 4.00 -0.85 20.86
C TYR A 168 5.27 -0.12 20.40
N VAL A 169 5.28 1.20 20.48
CA VAL A 169 6.47 1.97 20.12
C VAL A 169 7.68 1.60 21.00
N GLU A 170 7.44 1.44 22.31
CA GLU A 170 8.51 1.01 23.24
C GLU A 170 9.05 -0.38 22.89
N LEU A 171 8.16 -1.33 22.65
CA LEU A 171 8.59 -2.69 22.38
C LEU A 171 9.19 -2.79 20.99
N ASN A 172 8.68 -2.01 20.05
CA ASN A 172 9.24 -1.97 18.73
C ASN A 172 10.69 -1.47 18.78
N THR A 173 10.95 -0.42 19.56
CA THR A 173 12.29 0.15 19.75
C THR A 173 13.24 -0.82 20.45
N LYS A 174 12.72 -1.43 21.51
CA LYS A 174 13.44 -2.46 22.23
C LYS A 174 13.88 -3.60 21.32
N ALA A 175 12.96 -4.07 20.47
CA ALA A 175 13.26 -5.13 19.53
C ALA A 175 14.35 -4.72 18.55
N ALA A 176 14.25 -3.51 18.02
CA ALA A 176 15.24 -3.01 17.05
C ALA A 176 16.63 -2.95 17.63
N LYS A 177 16.72 -2.43 18.85
CA LYS A 177 17.97 -2.34 19.58
C LYS A 177 18.56 -3.72 19.88
N LEU A 178 17.71 -4.69 20.22
CA LEU A 178 18.18 -6.06 20.38
C LEU A 178 18.72 -6.64 19.08
N ASN A 179 18.31 -6.10 17.93
CA ASN A 179 18.96 -6.44 16.66
C ASN A 179 20.07 -5.46 16.27
N ASN A 180 20.40 -4.53 17.16
CA ASN A 180 21.46 -3.54 16.96
C ASN A 180 21.21 -2.50 15.85
N PHE A 181 19.93 -2.24 15.57
CA PHE A 181 19.49 -1.08 14.81
C PHE A 181 19.27 0.02 15.82
N THR A 182 19.38 1.27 15.39
CA THR A 182 19.15 2.41 16.26
C THR A 182 17.69 2.49 16.71
N SER A 183 16.77 2.12 15.81
CA SER A 183 15.33 2.20 16.05
C SER A 183 14.60 1.34 15.03
N GLY A 184 13.28 1.27 15.17
CA GLY A 184 12.46 0.58 14.19
C GLY A 184 12.55 1.14 12.77
N ALA A 185 12.88 2.40 12.64
CA ALA A 185 13.02 3.05 11.34
C ALA A 185 14.17 2.43 10.54
N GLU A 186 15.29 2.20 11.21
CA GLU A 186 16.47 1.60 10.55
C GLU A 186 16.18 0.12 10.31
N ALA A 187 15.40 -0.51 11.20
CA ALA A 187 14.98 -1.88 11.00
C ALA A 187 14.15 -2.00 9.72
N TRP A 188 13.12 -1.16 9.57
CA TRP A 188 12.34 -1.13 8.32
C TRP A 188 13.23 -0.82 7.09
N LEU A 189 14.04 0.22 7.20
CA LEU A 189 14.86 0.69 6.05
C LEU A 189 15.89 -0.32 5.58
N ASP A 190 16.24 -1.26 6.45
CA ASP A 190 17.17 -2.32 6.13
C ASP A 190 16.66 -3.21 5.00
N GLU A 191 15.33 -3.37 4.90
CA GLU A 191 14.76 -4.11 3.79
C GLU A 191 15.15 -3.58 2.40
N TYR A 192 15.58 -2.33 2.29
CA TYR A 192 15.88 -1.76 0.97
C TYR A 192 17.36 -1.86 0.61
N GLU A 193 18.17 -2.35 1.55
CA GLU A 193 19.59 -2.63 1.35
C GLU A 193 20.34 -1.49 0.67
N ASP A 194 20.19 -0.29 1.20
CA ASP A 194 20.78 0.89 0.60
C ASP A 194 20.82 2.01 1.63
N ASP A 195 22.03 2.35 2.06
CA ASP A 195 22.21 3.33 3.14
C ASP A 195 21.88 4.77 2.72
N THR A 196 21.67 5.04 1.43
CA THR A 196 21.22 6.37 0.99
C THR A 196 19.75 6.40 0.57
N PHE A 197 18.96 5.43 1.02
CA PHE A 197 17.62 5.24 0.48
C PHE A 197 16.67 6.37 0.87
N GLU A 198 16.80 6.87 2.11
CA GLU A 198 15.98 8.01 2.55
C GLU A 198 16.27 9.25 1.71
N GLN A 199 17.56 9.53 1.48
CA GLN A 199 17.96 10.69 0.68
C GLN A 199 17.48 10.56 -0.77
N GLN A 200 17.54 9.34 -1.32
CA GLN A 200 17.03 9.10 -2.65
C GLN A 200 15.54 9.45 -2.77
N LEU A 201 14.75 9.02 -1.79
CA LEU A 201 13.33 9.35 -1.79
C LEU A 201 13.11 10.84 -1.62
N GLU A 202 13.87 11.50 -0.75
CA GLU A 202 13.77 12.96 -0.60
C GLU A 202 14.05 13.64 -1.92
N ASP A 203 15.11 13.21 -2.64
CA ASP A 203 15.43 13.84 -3.91
C ASP A 203 14.29 13.63 -4.90
N ILE A 204 13.78 12.42 -4.99
CA ILE A 204 12.70 12.14 -5.95
C ILE A 204 11.42 12.89 -5.54
N PHE A 205 11.13 12.93 -4.26
CA PHE A 205 9.93 13.64 -3.83
C PHE A 205 10.03 15.14 -4.18
N ALA A 206 11.20 15.73 -3.95
CA ALA A 206 11.42 17.14 -4.27
C ALA A 206 11.13 17.48 -5.74
N ASP A 207 11.58 16.64 -6.67
CA ASP A 207 11.27 16.78 -8.10
C ASP A 207 9.79 16.74 -8.46
N ILE A 208 8.97 15.98 -7.72
CA ILE A 208 7.55 15.81 -8.04
C ILE A 208 6.67 16.78 -7.27
N ARG A 209 7.19 17.31 -6.17
CA ARG A 209 6.43 18.20 -5.29
C ARG A 209 5.80 19.41 -6.00
N PRO A 210 6.53 20.09 -6.91
CA PRO A 210 5.93 21.22 -7.63
C PRO A 210 4.69 20.82 -8.42
N LEU A 211 4.70 19.65 -9.06
CA LEU A 211 3.51 19.16 -9.72
C LEU A 211 2.36 18.94 -8.71
N TYR A 212 2.67 18.36 -7.56
CA TYR A 212 1.65 18.12 -6.52
C TYR A 212 1.01 19.44 -6.04
N GLN A 213 1.84 20.45 -5.86
CA GLN A 213 1.38 21.80 -5.47
C GLN A 213 0.34 22.35 -6.44
N GLN A 214 0.62 22.19 -7.73
CA GLN A 214 -0.28 22.64 -8.79
C GLN A 214 -1.59 21.90 -8.77
N ILE A 215 -1.53 20.59 -8.53
CA ILE A 215 -2.74 19.77 -8.42
C ILE A 215 -3.54 20.19 -7.19
N HIS A 216 -2.84 20.33 -6.06
CA HIS A 216 -3.43 20.78 -4.81
C HIS A 216 -4.15 22.13 -5.02
N GLY A 217 -3.45 23.08 -5.65
CA GLY A 217 -3.99 24.41 -5.92
C GLY A 217 -5.27 24.37 -6.73
N TYR A 218 -5.24 23.62 -7.83
CA TYR A 218 -6.39 23.51 -8.73
C TYR A 218 -7.57 22.84 -8.04
N VAL A 219 -7.32 21.76 -7.29
CA VAL A 219 -8.40 21.09 -6.57
C VAL A 219 -9.06 22.00 -5.54
N ARG A 220 -8.23 22.74 -4.80
CA ARG A 220 -8.73 23.71 -3.81
C ARG A 220 -9.60 24.79 -4.47
N PHE A 221 -9.11 25.29 -5.59
CA PHE A 221 -9.88 26.21 -6.45
C PHE A 221 -11.27 25.63 -6.78
N ARG A 222 -11.31 24.39 -7.24
CA ARG A 222 -12.56 23.79 -7.64
C ARG A 222 -13.49 23.44 -6.49
N LEU A 223 -12.93 23.11 -5.33
CA LEU A 223 -13.73 22.82 -4.16
C LEU A 223 -14.40 24.07 -3.62
N ARG A 224 -13.69 25.19 -3.72
CA ARG A 224 -14.25 26.50 -3.35
C ARG A 224 -15.50 26.83 -4.13
N LYS A 225 -15.50 26.49 -5.41
CA LYS A 225 -16.68 26.71 -6.27
C LYS A 225 -17.82 25.82 -5.85
N HIS A 226 -17.50 24.60 -5.43
CA HIS A 226 -18.51 23.66 -5.00
C HIS A 226 -19.05 23.98 -3.60
N TYR A 227 -18.17 24.08 -2.61
CA TYR A 227 -18.60 24.23 -1.22
C TYR A 227 -18.69 25.69 -0.76
N GLY A 228 -17.96 26.57 -1.43
CA GLY A 228 -17.96 27.99 -1.09
C GLY A 228 -16.83 28.33 -0.16
N ASP A 229 -16.57 29.62 -0.01
CA ASP A 229 -15.40 30.09 0.74
C ASP A 229 -15.49 29.96 2.25
N ALA A 230 -16.70 29.84 2.80
CA ALA A 230 -16.88 29.52 4.21
C ALA A 230 -16.27 28.14 4.56
N VAL A 231 -16.37 27.17 3.68
CA VAL A 231 -15.89 25.82 3.94
C VAL A 231 -14.42 25.65 3.51
N VAL A 232 -14.03 26.28 2.41
CA VAL A 232 -12.65 26.14 1.85
C VAL A 232 -12.05 27.53 1.64
N SER A 233 -10.94 27.85 2.31
CA SER A 233 -10.24 29.11 2.07
C SER A 233 -9.31 28.98 0.87
N GLU A 234 -9.00 30.12 0.25
CA GLU A 234 -8.07 30.17 -0.85
C GLU A 234 -6.66 29.81 -0.41
N THR A 235 -6.26 30.28 0.76
CA THR A 235 -4.85 30.25 1.16
C THR A 235 -4.53 29.20 2.21
N GLY A 236 -5.55 28.56 2.78
CA GLY A 236 -5.30 27.55 3.80
C GLY A 236 -5.21 26.12 3.29
N PRO A 237 -4.80 25.20 4.17
CA PRO A 237 -4.88 23.78 3.86
C PRO A 237 -6.31 23.33 3.57
N ILE A 238 -6.48 22.34 2.70
CA ILE A 238 -7.78 21.84 2.32
C ILE A 238 -8.39 21.04 3.48
N PRO A 239 -9.65 21.35 3.87
CA PRO A 239 -10.32 20.47 4.83
C PRO A 239 -10.42 19.04 4.28
N MET A 240 -9.75 18.11 4.94
CA MET A 240 -9.47 16.79 4.32
C MET A 240 -10.72 15.92 4.08
N HIS A 241 -11.77 16.17 4.85
CA HIS A 241 -13.02 15.43 4.70
C HIS A 241 -13.73 15.64 3.35
N LEU A 242 -13.33 16.66 2.60
CA LEU A 242 -13.94 16.95 1.31
C LEU A 242 -13.21 16.25 0.16
N LEU A 243 -12.20 15.43 0.47
CA LEU A 243 -11.30 14.89 -0.58
C LEU A 243 -11.63 13.47 -1.04
N GLY A 244 -12.76 12.93 -0.59
CA GLY A 244 -13.26 11.66 -1.13
C GLY A 244 -12.75 10.39 -0.46
N ASN A 245 -11.98 10.55 0.60
CA ASN A 245 -11.27 9.45 1.19
C ASN A 245 -10.96 9.78 2.64
N MET A 246 -11.01 8.78 3.51
CA MET A 246 -10.98 9.03 4.96
C MET A 246 -9.64 9.58 5.42
N TRP A 247 -8.59 9.32 4.66
CA TRP A 247 -7.24 9.73 5.03
C TRP A 247 -6.66 10.75 4.04
N ALA A 248 -7.50 11.15 3.07
CA ALA A 248 -7.14 12.03 1.97
C ALA A 248 -5.93 11.53 1.19
N GLN A 249 -5.77 10.21 1.10
CA GLN A 249 -4.56 9.61 0.46
C GLN A 249 -4.62 9.61 -1.06
N GLN A 250 -5.85 9.55 -1.55
CA GLN A 250 -6.19 9.61 -2.97
C GLN A 250 -7.49 10.40 -3.13
N TRP A 251 -7.59 11.22 -4.17
CA TRP A 251 -8.71 12.14 -4.35
C TRP A 251 -9.60 11.83 -5.57
N SER A 252 -9.44 10.65 -6.17
CA SER A 252 -10.18 10.36 -7.40
C SER A 252 -11.69 10.26 -7.18
N GLU A 253 -12.14 10.00 -5.96
CA GLU A 253 -13.58 9.94 -5.70
C GLU A 253 -14.32 11.27 -5.85
N ILE A 254 -13.62 12.39 -5.85
CA ILE A 254 -14.27 13.69 -6.13
C ILE A 254 -13.96 14.21 -7.53
N ALA A 255 -13.58 13.31 -8.42
CA ALA A 255 -13.30 13.70 -9.80
C ALA A 255 -14.51 14.37 -10.45
N ASP A 256 -15.72 13.92 -10.12
CA ASP A 256 -16.93 14.51 -10.67
C ASP A 256 -17.03 16.03 -10.45
N ILE A 257 -16.42 16.55 -9.39
CA ILE A 257 -16.52 17.98 -9.11
C ILE A 257 -15.27 18.79 -9.35
N VAL A 258 -14.14 18.14 -9.60
CA VAL A 258 -12.89 18.86 -9.85
C VAL A 258 -12.26 18.54 -11.20
N SER A 259 -13.00 17.82 -12.05
CA SER A 259 -12.44 17.44 -13.35
C SER A 259 -12.30 18.67 -14.26
N PRO A 260 -11.17 18.76 -14.97
CA PRO A 260 -10.88 19.92 -15.80
C PRO A 260 -11.92 20.25 -16.86
N PHE A 261 -12.52 19.24 -17.46
CA PHE A 261 -13.52 19.45 -18.50
C PHE A 261 -14.80 18.68 -18.15
N PRO A 262 -15.65 19.28 -17.31
CA PRO A 262 -16.88 18.65 -16.79
C PRO A 262 -17.87 18.19 -17.84
N GLU A 263 -17.83 18.79 -19.02
CA GLU A 263 -18.73 18.41 -20.11
C GLU A 263 -18.12 17.35 -21.03
N LYS A 264 -16.93 16.84 -20.70
CA LYS A 264 -16.29 15.77 -21.48
C LYS A 264 -16.29 14.48 -20.65
N PRO A 265 -16.06 13.32 -21.30
CA PRO A 265 -16.14 12.05 -20.57
C PRO A 265 -15.15 11.90 -19.40
N LEU A 266 -15.68 11.40 -18.29
CA LEU A 266 -14.91 11.02 -17.13
C LEU A 266 -15.16 9.53 -16.86
N VAL A 267 -14.09 8.75 -16.89
CA VAL A 267 -14.20 7.31 -16.81
C VAL A 267 -14.60 6.89 -15.40
N ASP A 268 -15.79 6.33 -15.26
CA ASP A 268 -16.28 5.78 -14.00
C ASP A 268 -17.19 4.59 -14.35
N VAL A 269 -16.59 3.41 -14.41
CA VAL A 269 -17.30 2.24 -14.92
C VAL A 269 -18.08 1.42 -13.89
N SER A 270 -18.13 1.89 -12.65
CA SER A 270 -18.90 1.21 -11.60
C SER A 270 -20.34 0.91 -12.02
N ALA A 271 -20.99 1.89 -12.65
CA ALA A 271 -22.39 1.76 -13.06
C ALA A 271 -22.55 0.67 -14.12
N GLU A 272 -21.65 0.64 -15.10
CA GLU A 272 -21.66 -0.38 -16.15
C GLU A 272 -21.35 -1.78 -15.61
N MET A 273 -20.42 -1.87 -14.64
CA MET A 273 -20.12 -3.13 -13.98
C MET A 273 -21.39 -3.72 -13.37
N GLU A 274 -22.12 -2.90 -12.62
CA GLU A 274 -23.37 -3.33 -12.01
C GLU A 274 -24.42 -3.70 -13.05
N LYS A 275 -24.53 -2.90 -14.11
CA LYS A 275 -25.49 -3.16 -15.20
C LYS A 275 -25.22 -4.48 -15.91
N GLN A 276 -23.95 -4.84 -16.05
CA GLN A 276 -23.58 -6.10 -16.68
C GLN A 276 -23.58 -7.28 -15.70
N GLY A 277 -24.03 -7.07 -14.46
CA GLY A 277 -24.15 -8.16 -13.49
C GLY A 277 -22.84 -8.72 -12.96
N TYR A 278 -21.82 -7.88 -12.89
CA TYR A 278 -20.52 -8.29 -12.35
C TYR A 278 -20.67 -8.77 -10.91
N THR A 279 -19.88 -9.78 -10.58
CA THR A 279 -19.72 -10.23 -9.22
C THR A 279 -18.23 -10.16 -8.86
N PRO A 280 -17.92 -10.28 -7.56
CA PRO A 280 -16.54 -10.42 -7.11
C PRO A 280 -15.82 -11.56 -7.83
N LEU A 281 -16.47 -12.70 -7.98
CA LEU A 281 -15.88 -13.85 -8.68
C LEU A 281 -15.48 -13.50 -10.11
N LYS A 282 -16.40 -12.89 -10.85
CA LYS A 282 -16.13 -12.37 -12.18
C LYS A 282 -14.92 -11.43 -12.19
N MET A 283 -14.84 -10.55 -11.20
CA MET A 283 -13.73 -9.59 -11.11
C MET A 283 -12.38 -10.31 -10.92
N PHE A 284 -12.32 -11.27 -10.01
CA PHE A 284 -11.09 -12.06 -9.84
C PHE A 284 -10.77 -12.91 -11.08
N GLN A 285 -11.80 -13.47 -11.70
CA GLN A 285 -11.61 -14.25 -12.94
C GLN A 285 -11.01 -13.37 -14.01
N MET A 286 -11.44 -12.12 -14.08
CA MET A 286 -10.91 -11.17 -15.06
C MET A 286 -9.46 -10.80 -14.76
N GLY A 287 -9.16 -10.59 -13.48
CA GLY A 287 -7.77 -10.39 -13.05
C GLY A 287 -6.90 -11.57 -13.47
N ASP A 288 -7.37 -12.78 -13.16
CA ASP A 288 -6.71 -14.01 -13.58
C ASP A 288 -6.39 -14.00 -15.07
N ASP A 289 -7.40 -13.71 -15.90
CA ASP A 289 -7.23 -13.68 -17.34
C ASP A 289 -6.17 -12.70 -17.75
N PHE A 290 -6.14 -11.54 -17.08
CA PHE A 290 -5.12 -10.54 -17.39
C PHE A 290 -3.73 -11.17 -17.23
N PHE A 291 -3.50 -11.84 -16.12
CA PHE A 291 -2.19 -12.44 -15.86
C PHE A 291 -1.89 -13.55 -16.85
N THR A 292 -2.85 -14.45 -17.07
CA THR A 292 -2.63 -15.54 -18.02
C THR A 292 -2.48 -15.03 -19.45
N SER A 293 -3.14 -13.93 -19.79
CA SER A 293 -3.01 -13.31 -21.12
C SER A 293 -1.60 -12.83 -21.38
N MET A 294 -0.81 -12.60 -20.33
CA MET A 294 0.58 -12.16 -20.50
C MET A 294 1.52 -13.34 -20.43
N ASN A 295 0.99 -14.56 -20.43
CA ASN A 295 1.79 -15.78 -20.31
C ASN A 295 2.40 -15.90 -18.91
N LEU A 296 1.67 -15.43 -17.90
CA LEU A 296 2.06 -15.63 -16.53
C LEU A 296 1.16 -16.72 -15.97
N THR A 297 1.30 -17.02 -14.69
CA THR A 297 0.74 -18.22 -14.11
C THR A 297 -0.73 -18.03 -13.74
N LYS A 298 -1.56 -19.00 -14.11
CA LYS A 298 -2.98 -19.00 -13.73
C LYS A 298 -3.13 -19.28 -12.25
N LEU A 299 -4.19 -18.76 -11.65
CA LEU A 299 -4.44 -19.05 -10.25
C LEU A 299 -4.65 -20.55 -10.04
N PRO A 300 -4.11 -21.09 -8.95
CA PRO A 300 -4.34 -22.50 -8.69
C PRO A 300 -5.67 -22.74 -8.02
N GLN A 301 -6.07 -24.00 -7.93
CA GLN A 301 -7.38 -24.36 -7.43
C GLN A 301 -7.56 -24.02 -5.96
N ASP A 302 -6.48 -24.06 -5.18
CA ASP A 302 -6.56 -23.73 -3.76
C ASP A 302 -7.00 -22.29 -3.55
N PHE A 303 -6.61 -21.40 -4.46
CA PHE A 303 -7.02 -20.00 -4.40
C PHE A 303 -8.53 -19.88 -4.42
N TRP A 304 -9.17 -20.53 -5.39
CA TRP A 304 -10.61 -20.45 -5.55
C TRP A 304 -11.33 -21.15 -4.41
N ASP A 305 -10.78 -22.25 -3.93
CA ASP A 305 -11.41 -23.04 -2.88
C ASP A 305 -11.36 -22.35 -1.53
N LYS A 306 -10.26 -21.65 -1.25
CA LYS A 306 -10.02 -21.14 0.09
C LYS A 306 -10.07 -19.62 0.29
N SER A 307 -10.00 -18.85 -0.80
CA SER A 307 -10.03 -17.39 -0.67
C SER A 307 -11.38 -16.93 -0.13
N ILE A 308 -11.39 -15.76 0.49
CA ILE A 308 -12.62 -15.07 0.87
C ILE A 308 -12.69 -13.81 0.01
N ILE A 309 -13.64 -13.77 -0.91
CA ILE A 309 -13.75 -12.65 -1.84
C ILE A 309 -15.04 -11.82 -1.65
N GLU A 310 -15.76 -12.06 -0.56
CA GLU A 310 -16.92 -11.25 -0.20
C GLU A 310 -17.03 -11.11 1.30
N LYS A 311 -17.46 -9.95 1.77
CA LYS A 311 -17.68 -9.79 3.20
C LYS A 311 -18.69 -10.84 3.63
N PRO A 312 -18.39 -11.62 4.68
CA PRO A 312 -19.37 -12.58 5.20
C PRO A 312 -20.62 -11.92 5.73
N THR A 313 -21.75 -12.62 5.63
CA THR A 313 -23.03 -12.11 6.06
C THR A 313 -23.55 -12.79 7.31
N ASP A 314 -22.73 -13.59 7.99
CA ASP A 314 -23.07 -14.03 9.35
C ASP A 314 -22.73 -12.87 10.28
N GLY A 315 -22.95 -13.02 11.58
CA GLY A 315 -22.74 -11.89 12.50
C GLY A 315 -21.31 -11.44 12.77
N ARG A 316 -20.31 -12.15 12.24
CA ARG A 316 -18.95 -12.10 12.77
C ARG A 316 -18.14 -10.85 12.47
N ASP A 317 -17.08 -10.69 13.26
CA ASP A 317 -16.07 -9.66 13.06
C ASP A 317 -14.92 -10.25 12.27
N LEU A 318 -14.33 -9.43 11.41
CA LEU A 318 -13.13 -9.78 10.69
C LEU A 318 -12.40 -8.51 10.28
N VAL A 319 -11.16 -8.69 9.82
CA VAL A 319 -10.40 -7.63 9.18
C VAL A 319 -10.79 -7.61 7.72
N CYS A 320 -11.50 -6.56 7.31
CA CYS A 320 -11.90 -6.41 5.91
C CYS A 320 -10.83 -5.76 5.05
N HIS A 321 -9.85 -5.08 5.65
CA HIS A 321 -8.80 -4.48 4.83
C HIS A 321 -8.17 -5.60 3.98
N ALA A 322 -8.12 -5.39 2.67
CA ALA A 322 -7.74 -6.44 1.73
C ALA A 322 -6.32 -6.95 1.97
N SER A 323 -6.09 -8.23 1.70
CA SER A 323 -4.78 -8.83 1.87
C SER A 323 -4.63 -10.08 1.03
N ALA A 324 -3.37 -10.36 0.69
CA ALA A 324 -2.95 -11.52 -0.08
C ALA A 324 -1.98 -12.36 0.75
N TRP A 325 -2.18 -13.68 0.72
CA TRP A 325 -1.56 -14.59 1.67
C TRP A 325 -0.80 -15.69 0.96
N ASP A 326 0.41 -15.94 1.44
CA ASP A 326 1.26 -17.02 0.95
C ASP A 326 1.42 -18.00 2.09
N PHE A 327 1.09 -19.28 1.87
CA PHE A 327 1.19 -20.28 2.94
C PHE A 327 2.45 -21.14 2.86
N TYR A 328 3.31 -20.83 1.90
CA TYR A 328 4.67 -21.39 1.81
C TYR A 328 4.73 -22.88 1.54
N LEU A 329 3.73 -23.41 0.85
CA LEU A 329 3.77 -24.79 0.39
C LEU A 329 3.91 -24.68 -1.12
N THR A 330 3.08 -25.42 -1.86
CA THR A 330 2.99 -25.26 -3.29
C THR A 330 1.53 -24.91 -3.58
N ASP A 331 1.32 -23.74 -4.20
CA ASP A 331 0.01 -23.32 -4.70
C ASP A 331 -1.06 -23.06 -3.67
N ASP A 332 -0.71 -23.07 -2.39
CA ASP A 332 -1.65 -22.63 -1.38
C ASP A 332 -1.42 -21.14 -1.16
N VAL A 333 -2.17 -20.35 -1.93
CA VAL A 333 -2.15 -18.88 -1.88
C VAL A 333 -3.62 -18.43 -1.86
N ARG A 334 -3.92 -17.35 -1.13
CA ARG A 334 -5.31 -16.88 -0.96
C ARG A 334 -5.38 -15.37 -0.87
N ILE A 335 -6.54 -14.83 -1.23
CA ILE A 335 -6.86 -13.45 -0.97
C ILE A 335 -8.04 -13.39 -0.01
N LYS A 336 -7.98 -12.42 0.90
CA LYS A 336 -9.13 -12.02 1.68
C LYS A 336 -9.44 -10.57 1.31
N GLN A 337 -10.59 -10.37 0.67
CA GLN A 337 -11.06 -9.07 0.26
C GLN A 337 -12.56 -8.98 0.43
N CYS A 338 -13.03 -7.92 1.09
CA CYS A 338 -14.46 -7.65 1.21
C CYS A 338 -14.92 -6.91 -0.05
N THR A 339 -14.94 -7.64 -1.17
CA THR A 339 -15.07 -7.05 -2.50
C THR A 339 -16.44 -6.43 -2.78
N ARG A 340 -16.41 -5.26 -3.42
CA ARG A 340 -17.60 -4.56 -3.89
C ARG A 340 -17.46 -4.34 -5.38
N VAL A 341 -18.58 -4.17 -6.06
CA VAL A 341 -18.58 -4.00 -7.52
C VAL A 341 -18.43 -2.51 -7.86
N THR A 342 -17.17 -2.07 -7.95
CA THR A 342 -16.84 -0.70 -8.34
C THR A 342 -15.56 -0.68 -9.15
N GLN A 343 -15.29 0.45 -9.78
CA GLN A 343 -14.07 0.64 -10.57
C GLN A 343 -12.82 0.54 -9.68
N ASP A 344 -12.80 1.27 -8.57
CA ASP A 344 -11.65 1.23 -7.67
C ASP A 344 -11.38 -0.20 -7.18
N GLN A 345 -12.44 -0.93 -6.86
CA GLN A 345 -12.32 -2.32 -6.40
C GLN A 345 -11.77 -3.27 -7.46
N LEU A 346 -11.98 -2.94 -8.74
CA LEU A 346 -11.43 -3.73 -9.83
C LEU A 346 -9.92 -3.59 -9.88
N PHE A 347 -9.45 -2.39 -9.54
CA PHE A 347 -8.02 -2.11 -9.47
C PHE A 347 -7.38 -2.84 -8.31
N THR A 348 -8.04 -2.76 -7.16
CA THR A 348 -7.64 -3.51 -5.97
C THR A 348 -7.51 -5.01 -6.27
N VAL A 349 -8.51 -5.59 -6.93
CA VAL A 349 -8.43 -7.01 -7.30
C VAL A 349 -7.13 -7.30 -8.06
N HIS A 350 -6.80 -6.48 -9.05
CA HIS A 350 -5.56 -6.64 -9.81
C HIS A 350 -4.32 -6.42 -8.95
N HIS A 351 -4.41 -5.46 -8.02
CA HIS A 351 -3.30 -5.20 -7.11
C HIS A 351 -2.99 -6.46 -6.29
N GLU A 352 -4.03 -7.02 -5.68
CA GLU A 352 -3.87 -8.20 -4.83
C GLU A 352 -3.36 -9.39 -5.59
N LEU A 353 -3.86 -9.57 -6.82
CA LEU A 353 -3.42 -10.69 -7.67
C LEU A 353 -1.97 -10.53 -8.12
N GLY A 354 -1.46 -9.30 -8.06
CA GLY A 354 -0.03 -9.05 -8.24
C GLY A 354 0.80 -9.67 -7.12
N HIS A 355 0.28 -9.58 -5.90
CA HIS A 355 0.90 -10.23 -4.75
C HIS A 355 0.88 -11.75 -4.98
N ILE A 356 -0.29 -12.29 -5.29
CA ILE A 356 -0.44 -13.72 -5.53
C ILE A 356 0.51 -14.21 -6.63
N GLN A 357 0.64 -13.43 -7.69
CA GLN A 357 1.50 -13.82 -8.81
C GLN A 357 2.97 -13.88 -8.40
N TYR A 358 3.38 -12.95 -7.55
CA TYR A 358 4.75 -12.94 -7.03
C TYR A 358 4.98 -14.22 -6.21
N PHE A 359 4.02 -14.55 -5.33
CA PHE A 359 4.07 -15.77 -4.53
C PHE A 359 4.30 -17.01 -5.39
N LEU A 360 3.52 -17.13 -6.46
CA LEU A 360 3.58 -18.27 -7.36
C LEU A 360 4.89 -18.26 -8.12
N GLN A 361 5.35 -17.08 -8.51
CA GLN A 361 6.59 -16.95 -9.29
C GLN A 361 7.86 -17.32 -8.50
N TYR A 362 7.85 -17.15 -7.19
CA TYR A 362 9.06 -17.44 -6.41
C TYR A 362 8.92 -18.60 -5.45
N GLN A 363 7.84 -19.38 -5.55
CA GLN A 363 7.62 -20.49 -4.59
C GLN A 363 8.67 -21.60 -4.67
N HIS A 364 9.37 -21.71 -5.78
CA HIS A 364 10.49 -22.64 -5.90
C HIS A 364 11.76 -22.17 -5.16
N GLN A 365 11.80 -20.90 -4.74
CA GLN A 365 12.97 -20.35 -4.06
C GLN A 365 13.11 -20.93 -2.66
N PRO A 366 14.33 -20.97 -2.12
CA PRO A 366 14.47 -21.20 -0.69
C PRO A 366 13.60 -20.21 0.09
N PHE A 367 13.03 -20.66 1.20
CA PHE A 367 12.13 -19.86 2.00
C PHE A 367 12.58 -18.42 2.24
N VAL A 368 13.78 -18.22 2.78
CA VAL A 368 14.26 -16.84 3.03
C VAL A 368 14.22 -15.92 1.80
N TYR A 369 14.23 -16.50 0.60
CA TYR A 369 14.10 -15.71 -0.66
C TYR A 369 12.66 -15.59 -1.18
N ARG A 370 11.70 -16.20 -0.48
CA ARG A 370 10.30 -16.14 -0.90
C ARG A 370 9.65 -14.86 -0.36
N THR A 371 10.09 -13.75 -0.92
CA THR A 371 9.53 -12.44 -0.59
C THR A 371 9.97 -11.48 -1.68
N GLY A 372 9.47 -10.26 -1.64
CA GLY A 372 9.78 -9.27 -2.67
C GLY A 372 11.24 -8.91 -2.68
N ALA A 373 11.75 -8.49 -3.84
CA ALA A 373 13.12 -7.97 -3.94
C ALA A 373 13.33 -6.80 -2.98
N ASN A 374 12.31 -5.95 -2.86
CA ASN A 374 12.12 -5.14 -1.66
C ASN A 374 10.61 -4.94 -1.47
N PRO A 375 10.18 -4.45 -0.32
CA PRO A 375 8.72 -4.35 -0.09
C PRO A 375 7.98 -3.56 -1.18
N GLY A 376 8.66 -2.58 -1.79
CA GLY A 376 8.08 -1.81 -2.87
C GLY A 376 7.78 -2.60 -4.13
N PHE A 377 8.68 -3.52 -4.50
CA PHE A 377 8.43 -4.39 -5.65
C PHE A 377 7.12 -5.15 -5.47
N HIS A 378 6.90 -5.72 -4.30
CA HIS A 378 5.69 -6.50 -4.08
C HIS A 378 4.41 -5.68 -4.30
N GLU A 379 4.44 -4.42 -3.85
CA GLU A 379 3.28 -3.56 -3.98
C GLU A 379 3.08 -3.07 -5.43
N ALA A 380 4.18 -3.02 -6.19
CA ALA A 380 4.17 -2.47 -7.54
C ALA A 380 3.55 -3.38 -8.60
N VAL A 381 3.68 -4.70 -8.43
CA VAL A 381 3.40 -5.67 -9.51
C VAL A 381 1.99 -5.49 -10.03
N GLY A 382 1.02 -5.62 -9.14
CA GLY A 382 -0.37 -5.50 -9.51
C GLY A 382 -0.75 -4.10 -9.97
N ASP A 383 -0.11 -3.08 -9.42
CA ASP A 383 -0.38 -1.70 -9.83
C ASP A 383 0.06 -1.44 -11.27
N VAL A 384 1.07 -2.16 -11.76
CA VAL A 384 1.45 -2.02 -13.15
C VAL A 384 0.28 -2.47 -14.02
N LEU A 385 -0.37 -3.56 -13.64
CA LEU A 385 -1.57 -4.00 -14.37
C LEU A 385 -2.73 -3.02 -14.22
N SER A 386 -2.97 -2.54 -13.00
CA SER A 386 -4.08 -1.58 -12.75
C SER A 386 -3.96 -0.31 -13.58
N LEU A 387 -2.73 0.13 -13.85
CA LEU A 387 -2.51 1.25 -14.74
C LEU A 387 -3.07 1.02 -16.14
N SER A 388 -2.85 -0.15 -16.73
CA SER A 388 -3.40 -0.43 -18.05
C SER A 388 -4.90 -0.75 -17.95
N VAL A 389 -5.32 -1.44 -16.90
CA VAL A 389 -6.76 -1.68 -16.68
C VAL A 389 -7.53 -0.36 -16.63
N SER A 390 -6.89 0.66 -16.07
CA SER A 390 -7.51 1.98 -15.88
C SER A 390 -7.66 2.77 -17.17
N THR A 391 -6.91 2.39 -18.22
CA THR A 391 -6.95 3.12 -19.49
C THR A 391 -8.31 3.00 -20.19
N PRO A 392 -8.74 4.07 -20.87
CA PRO A 392 -9.92 3.96 -21.74
C PRO A 392 -9.76 2.82 -22.74
N LYS A 393 -8.58 2.68 -23.31
CA LYS A 393 -8.29 1.57 -24.23
C LYS A 393 -8.79 0.23 -23.70
N HIS A 394 -8.29 -0.15 -22.52
CA HIS A 394 -8.64 -1.43 -21.93
C HIS A 394 -10.11 -1.52 -21.52
N LEU A 395 -10.65 -0.44 -20.94
CA LEU A 395 -12.01 -0.48 -20.44
C LEU A 395 -13.03 -0.56 -21.58
N GLU A 396 -12.64 -0.05 -22.74
CA GLU A 396 -13.42 -0.23 -23.95
C GLU A 396 -13.38 -1.68 -24.45
N LYS A 397 -12.19 -2.30 -24.43
CA LYS A 397 -12.04 -3.71 -24.82
C LYS A 397 -12.95 -4.65 -24.04
N ILE A 398 -13.05 -4.42 -22.74
CA ILE A 398 -13.85 -5.30 -21.89
C ILE A 398 -15.27 -4.82 -21.78
N GLY A 399 -15.62 -3.82 -22.60
CA GLY A 399 -16.99 -3.40 -22.75
C GLY A 399 -17.57 -2.67 -21.58
N LEU A 400 -16.71 -2.08 -20.75
CA LEU A 400 -17.17 -1.31 -19.60
C LEU A 400 -17.30 0.19 -19.88
N LEU A 401 -16.59 0.67 -20.90
CA LEU A 401 -16.60 2.07 -21.27
C LEU A 401 -17.15 2.20 -22.69
N LYS A 402 -18.29 2.89 -22.82
CA LYS A 402 -19.02 3.00 -24.09
C LYS A 402 -19.10 4.44 -24.59
N ASP A 403 -19.13 4.61 -25.91
CA ASP A 403 -19.30 5.92 -26.56
C ASP A 403 -18.24 6.93 -26.13
N TYR A 404 -17.01 6.45 -25.94
CA TYR A 404 -15.92 7.28 -25.44
C TYR A 404 -15.16 7.88 -26.60
N VAL A 405 -15.12 9.22 -26.66
CA VAL A 405 -14.31 9.94 -27.64
C VAL A 405 -13.08 10.48 -26.94
N ARG A 406 -11.91 9.99 -27.37
CA ARG A 406 -10.65 10.36 -26.76
C ARG A 406 -10.05 11.57 -27.48
N ASP A 407 -10.69 12.72 -27.31
CA ASP A 407 -10.11 13.98 -27.77
C ASP A 407 -9.13 14.53 -26.72
N ASP A 408 -8.56 15.70 -26.99
CA ASP A 408 -7.54 16.28 -26.11
C ASP A 408 -8.04 16.59 -24.71
N GLU A 409 -9.30 17.01 -24.62
CA GLU A 409 -9.89 17.35 -23.33
C GLU A 409 -10.17 16.11 -22.49
N ALA A 410 -10.73 15.06 -23.08
CA ALA A 410 -10.93 13.80 -22.37
C ALA A 410 -9.60 13.20 -21.89
N ARG A 411 -8.54 13.39 -22.67
CA ARG A 411 -7.23 12.94 -22.27
C ARG A 411 -6.80 13.63 -20.97
N ILE A 412 -6.92 14.96 -20.94
CA ILE A 412 -6.64 15.73 -19.73
C ILE A 412 -7.50 15.26 -18.55
N ASN A 413 -8.79 15.01 -18.76
CA ASN A 413 -9.62 14.46 -17.67
C ASN A 413 -9.03 13.16 -17.10
N GLN A 414 -8.56 12.29 -17.99
CA GLN A 414 -8.11 10.96 -17.58
C GLN A 414 -6.74 11.07 -16.90
N LEU A 415 -5.86 11.92 -17.42
CA LEU A 415 -4.57 12.18 -16.80
C LEU A 415 -4.71 12.75 -15.39
N PHE A 416 -5.65 13.66 -15.23
CA PHE A 416 -5.93 14.28 -13.94
C PHE A 416 -6.51 13.24 -12.99
N LEU A 417 -7.43 12.44 -13.48
CA LEU A 417 -8.04 11.39 -12.67
C LEU A 417 -6.96 10.48 -12.10
N THR A 418 -5.99 10.11 -12.93
CA THR A 418 -4.89 9.26 -12.53
C THR A 418 -3.97 9.96 -11.53
N ALA A 419 -3.66 11.23 -11.80
CA ALA A 419 -2.88 12.09 -10.90
C ALA A 419 -3.50 12.21 -9.51
N LEU A 420 -4.82 12.33 -9.47
CA LEU A 420 -5.54 12.39 -8.19
C LEU A 420 -5.29 11.17 -7.32
N ASP A 421 -4.91 10.06 -7.94
CA ASP A 421 -4.49 8.87 -7.21
C ASP A 421 -2.96 8.77 -7.13
N LYS A 422 -2.27 9.01 -8.23
CA LYS A 422 -0.85 8.67 -8.30
C LYS A 422 0.12 9.72 -7.77
N ILE A 423 -0.11 10.99 -8.07
CA ILE A 423 0.70 12.08 -7.52
C ILE A 423 0.27 12.45 -6.10
N VAL A 424 -1.03 12.56 -5.89
CA VAL A 424 -1.55 12.95 -4.58
C VAL A 424 -1.03 12.05 -3.47
N PHE A 425 -1.06 10.75 -3.72
CA PHE A 425 -0.62 9.75 -2.76
C PHE A 425 0.82 9.87 -2.30
N LEU A 426 1.70 10.45 -3.11
CA LEU A 426 3.11 10.41 -2.78
C LEU A 426 3.43 11.09 -1.43
N PRO A 427 3.01 12.36 -1.25
CA PRO A 427 3.33 12.96 0.04
C PRO A 427 2.65 12.23 1.18
N PHE A 428 1.45 11.71 0.93
CA PHE A 428 0.72 11.02 2.00
C PHE A 428 1.53 9.84 2.52
N ALA A 429 1.94 8.99 1.59
CA ALA A 429 2.68 7.78 1.92
C ALA A 429 3.99 8.09 2.58
N PHE A 430 4.63 9.19 2.19
CA PHE A 430 5.91 9.57 2.79
C PHE A 430 5.71 9.92 4.26
N THR A 431 4.65 10.68 4.55
CA THR A 431 4.35 11.07 5.93
C THR A 431 3.99 9.91 6.86
N MET A 432 3.37 8.85 6.35
CA MET A 432 3.00 7.73 7.23
C MET A 432 4.23 7.18 7.93
N ASP A 433 5.33 7.03 7.20
CA ASP A 433 6.55 6.54 7.80
C ASP A 433 7.42 7.64 8.39
N LYS A 434 7.41 8.85 7.83
CA LYS A 434 8.10 9.95 8.48
C LYS A 434 7.58 10.13 9.91
N TYR A 435 6.27 9.98 10.09
CA TYR A 435 5.70 10.10 11.42
C TYR A 435 6.22 8.99 12.31
N ARG A 436 6.07 7.74 11.87
CA ARG A 436 6.43 6.61 12.72
C ARG A 436 7.94 6.55 12.99
N TRP A 437 8.75 6.83 11.96
CA TRP A 437 10.19 6.93 12.14
C TRP A 437 10.55 7.92 13.21
N SER A 438 9.89 9.08 13.23
CA SER A 438 10.19 10.10 14.24
C SER A 438 9.82 9.64 15.64
N LEU A 439 8.76 8.83 15.77
CA LEU A 439 8.39 8.28 17.08
C LEU A 439 9.37 7.18 17.50
N PHE A 440 9.73 6.33 16.54
CA PHE A 440 10.68 5.24 16.75
C PHE A 440 12.06 5.73 17.16
N ARG A 441 12.50 6.83 16.55
CA ARG A 441 13.83 7.43 16.79
C ARG A 441 13.90 8.30 18.05
N GLY A 442 12.79 8.43 18.77
CA GLY A 442 12.76 9.25 19.96
C GLY A 442 12.83 10.74 19.70
N GLU A 443 12.39 11.17 18.53
CA GLU A 443 12.50 12.58 18.13
C GLU A 443 11.33 13.48 18.58
N VAL A 444 10.25 12.88 19.08
CA VAL A 444 9.06 13.64 19.49
C VAL A 444 8.68 13.23 20.91
N ASP A 445 8.53 14.20 21.80
CA ASP A 445 8.01 13.91 23.14
C ASP A 445 6.60 13.38 23.04
N LYS A 446 6.25 12.42 23.89
CA LYS A 446 4.90 11.84 23.96
C LYS A 446 3.80 12.88 24.09
N ALA A 447 4.12 14.01 24.72
CA ALA A 447 3.16 15.09 24.85
C ALA A 447 2.84 15.77 23.53
N ASN A 448 3.68 15.58 22.49
CA ASN A 448 3.47 16.22 21.20
C ASN A 448 3.17 15.25 20.06
N TRP A 449 2.71 14.04 20.39
CA TRP A 449 2.61 13.00 19.38
C TRP A 449 1.54 13.23 18.33
N ASN A 450 0.38 13.76 18.74
CA ASN A 450 -0.70 13.98 17.79
C ASN A 450 -0.48 15.18 16.89
N CYS A 451 0.05 16.28 17.41
CA CYS A 451 0.28 17.42 16.57
C CYS A 451 1.53 17.21 15.68
N ALA A 452 2.43 16.32 16.06
CA ALA A 452 3.54 15.92 15.15
C ALA A 452 2.97 15.22 13.91
N PHE A 453 1.84 14.53 14.08
CA PHE A 453 1.18 13.84 12.98
C PHE A 453 0.54 14.87 12.06
N TRP A 454 -0.36 15.68 12.60
CA TRP A 454 -1.03 16.66 11.77
C TRP A 454 -0.04 17.66 11.15
N LYS A 455 1.07 17.94 11.84
CA LYS A 455 2.05 18.88 11.31
C LYS A 455 2.63 18.35 10.02
N LEU A 456 2.95 17.06 10.00
CA LEU A 456 3.49 16.45 8.77
C LEU A 456 2.46 16.42 7.66
N ARG A 457 1.18 16.16 8.01
CA ARG A 457 0.13 16.08 7.01
C ARG A 457 -0.07 17.44 6.32
N ASP A 458 0.11 18.51 7.09
CA ASP A 458 0.11 19.89 6.58
C ASP A 458 1.40 20.13 5.75
N GLU A 459 2.54 19.97 6.38
CA GLU A 459 3.80 20.34 5.73
C GLU A 459 3.86 19.70 4.34
N TYR A 460 3.58 18.40 4.24
CA TYR A 460 3.73 17.68 2.97
C TYR A 460 2.49 17.66 2.08
N SER A 461 1.29 17.48 2.64
CA SER A 461 0.09 17.31 1.81
C SER A 461 -0.83 18.55 1.72
N GLY A 462 -0.73 19.47 2.66
CA GLY A 462 -1.54 20.69 2.58
C GLY A 462 -3.00 20.39 2.89
N ILE A 463 -3.24 19.38 3.72
CA ILE A 463 -4.59 19.05 4.22
C ILE A 463 -4.61 19.17 5.71
N GLU A 464 -5.81 19.22 6.28
CA GLU A 464 -5.97 19.33 7.71
C GLU A 464 -7.30 18.69 8.10
N PRO A 465 -7.42 18.31 9.37
CA PRO A 465 -8.69 17.80 9.84
C PRO A 465 -9.82 18.79 9.64
N PRO A 466 -11.08 18.31 9.62
CA PRO A 466 -12.27 19.15 9.52
C PRO A 466 -12.59 19.90 10.81
N VAL A 467 -12.04 19.44 11.93
CA VAL A 467 -12.28 20.05 13.22
C VAL A 467 -10.99 20.14 13.98
N VAL A 468 -10.97 20.99 15.00
CA VAL A 468 -9.78 21.20 15.82
C VAL A 468 -9.49 19.95 16.62
N ARG A 469 -8.28 19.41 16.46
CA ARG A 469 -7.80 18.29 17.25
C ARG A 469 -6.83 18.83 18.27
N SER A 470 -6.54 18.03 19.29
CA SER A 470 -5.55 18.39 20.30
C SER A 470 -4.75 17.15 20.69
N GLU A 471 -3.92 17.26 21.71
CA GLU A 471 -3.18 16.10 22.20
C GLU A 471 -4.04 15.17 23.06
N LYS A 472 -5.30 15.55 23.30
CA LYS A 472 -6.30 14.61 23.81
C LYS A 472 -6.71 13.58 22.76
N ASP A 473 -6.60 13.94 21.49
CA ASP A 473 -6.94 12.99 20.42
C ASP A 473 -5.67 12.28 20.04
N PHE A 474 -5.80 11.11 19.43
CA PHE A 474 -4.64 10.42 18.87
C PHE A 474 -5.06 9.79 17.54
N ASP A 475 -4.72 10.49 16.46
CA ASP A 475 -5.38 10.27 15.18
C ASP A 475 -4.66 9.30 14.22
N ALA A 476 -3.36 9.09 14.38
CA ALA A 476 -2.63 8.22 13.44
C ALA A 476 -3.18 6.78 13.33
N PRO A 477 -3.44 6.09 14.46
CA PRO A 477 -3.96 4.72 14.33
C PRO A 477 -5.30 4.56 13.61
N ALA A 478 -5.94 5.66 13.21
CA ALA A 478 -7.13 5.58 12.37
C ALA A 478 -6.83 5.12 10.94
N LYS A 479 -5.54 5.07 10.59
CA LYS A 479 -5.11 4.46 9.34
C LYS A 479 -4.74 2.98 9.59
N TYR A 480 -5.34 2.08 8.81
CA TYR A 480 -5.21 0.64 9.02
C TYR A 480 -3.76 0.23 9.33
N HIS A 481 -2.85 0.63 8.45
CA HIS A 481 -1.47 0.17 8.52
C HIS A 481 -0.78 0.60 9.78
N ILE A 482 -1.20 1.73 10.32
CA ILE A 482 -0.66 2.20 11.59
C ILE A 482 -1.18 1.39 12.79
N SER A 483 -2.46 1.02 12.76
CA SER A 483 -3.00 0.14 13.80
C SER A 483 -2.45 -1.28 13.68
N ALA A 484 -2.25 -1.74 12.44
CA ALA A 484 -1.80 -3.11 12.16
C ALA A 484 -0.28 -3.27 12.01
N ASP A 485 0.47 -2.21 12.29
CA ASP A 485 1.94 -2.26 12.25
C ASP A 485 2.45 -2.80 10.91
N VAL A 486 2.12 -2.10 9.85
CA VAL A 486 2.58 -2.44 8.50
C VAL A 486 3.37 -1.24 7.97
N GLU A 487 4.64 -1.48 7.66
CA GLU A 487 5.52 -0.46 7.11
C GLU A 487 4.89 0.12 5.84
N TYR A 488 4.93 1.44 5.69
CA TYR A 488 4.18 2.11 4.61
C TYR A 488 5.03 2.65 3.48
N LEU A 489 6.34 2.78 3.70
CA LEU A 489 7.26 3.28 2.66
C LEU A 489 7.23 2.43 1.40
N ARG A 490 6.98 1.14 1.56
CA ARG A 490 6.77 0.23 0.45
C ARG A 490 5.90 0.83 -0.65
N TYR A 491 4.87 1.58 -0.24
CA TYR A 491 3.93 2.18 -1.19
C TYR A 491 4.49 3.42 -1.89
N LEU A 492 5.20 4.28 -1.17
CA LEU A 492 5.89 5.38 -1.84
C LEU A 492 6.83 4.79 -2.93
N VAL A 493 7.58 3.76 -2.55
CA VAL A 493 8.57 3.14 -3.47
C VAL A 493 7.81 2.55 -4.66
N SER A 494 6.72 1.87 -4.38
CA SER A 494 5.86 1.27 -5.40
C SER A 494 5.31 2.30 -6.39
N PHE A 495 4.79 3.41 -5.89
CA PHE A 495 4.25 4.44 -6.78
C PHE A 495 5.31 5.06 -7.70
N ILE A 496 6.58 5.01 -7.29
CA ILE A 496 7.68 5.48 -8.13
C ILE A 496 8.10 4.41 -9.16
N ILE A 497 8.39 3.19 -8.68
CA ILE A 497 8.96 2.15 -9.53
C ILE A 497 7.92 1.54 -10.45
N GLN A 498 6.65 1.58 -10.07
CA GLN A 498 5.59 1.02 -10.93
C GLN A 498 5.53 1.73 -12.28
N PHE A 499 5.86 3.02 -12.30
CA PHE A 499 5.93 3.73 -13.58
C PHE A 499 7.18 3.35 -14.37
N GLN A 500 8.28 3.00 -13.70
CA GLN A 500 9.47 2.45 -14.41
C GLN A 500 9.14 1.10 -15.05
N PHE A 501 8.41 0.28 -14.30
CA PHE A 501 7.93 -1.02 -14.80
C PHE A 501 6.94 -0.85 -15.95
N TYR A 502 5.92 -0.03 -15.71
CA TYR A 502 4.87 0.23 -16.69
C TYR A 502 5.44 0.78 -18.00
N LYS A 503 6.28 1.79 -17.91
CA LYS A 503 6.88 2.35 -19.09
C LYS A 503 7.63 1.30 -19.90
N SER A 504 8.45 0.51 -19.22
CA SER A 504 9.26 -0.51 -19.89
C SER A 504 8.40 -1.62 -20.48
N ALA A 505 7.37 -2.04 -19.74
CA ALA A 505 6.47 -3.07 -20.22
C ALA A 505 5.68 -2.57 -21.44
N CYS A 506 5.24 -1.32 -21.39
CA CYS A 506 4.57 -0.72 -22.53
C CYS A 506 5.47 -0.65 -23.77
N ILE A 507 6.75 -0.30 -23.59
CA ILE A 507 7.70 -0.28 -24.71
C ILE A 507 7.83 -1.70 -25.28
N LYS A 508 8.02 -2.70 -24.41
CA LYS A 508 8.14 -4.10 -24.84
C LYS A 508 6.89 -4.63 -25.53
N ALA A 509 5.71 -4.10 -25.15
CA ALA A 509 4.46 -4.51 -25.76
C ALA A 509 4.16 -3.75 -27.05
N GLY A 510 5.04 -2.84 -27.47
CA GLY A 510 4.79 -1.98 -28.64
C GLY A 510 3.68 -0.98 -28.38
N GLN A 511 3.39 -0.71 -27.11
CA GLN A 511 2.27 0.12 -26.70
C GLN A 511 2.65 1.57 -26.39
N TYR A 512 3.94 1.85 -26.31
CA TYR A 512 4.41 3.20 -26.08
C TYR A 512 5.60 3.49 -26.95
N ASP A 513 5.51 4.58 -27.69
CA ASP A 513 6.62 5.15 -28.41
C ASP A 513 6.56 6.65 -28.14
N PRO A 514 7.60 7.21 -27.51
CA PRO A 514 7.58 8.64 -27.18
C PRO A 514 7.39 9.55 -28.38
N ASP A 515 7.92 9.16 -29.54
CA ASP A 515 7.85 9.98 -30.75
C ASP A 515 6.69 9.60 -31.66
N ASN A 516 5.56 9.18 -31.07
CA ASN A 516 4.40 8.78 -31.83
C ASN A 516 3.11 9.08 -31.06
N VAL A 517 2.38 10.07 -31.56
CA VAL A 517 1.15 10.55 -30.92
C VAL A 517 0.05 9.47 -30.82
N GLU A 518 0.18 8.40 -31.60
CA GLU A 518 -0.76 7.29 -31.54
C GLU A 518 -0.47 6.29 -30.41
N LEU A 519 0.73 6.34 -29.82
CA LEU A 519 1.10 5.41 -28.75
C LEU A 519 1.55 6.20 -27.51
N PRO A 520 0.60 6.90 -26.85
CA PRO A 520 0.94 7.64 -25.64
C PRO A 520 1.01 6.71 -24.45
N LEU A 521 1.90 6.99 -23.51
CA LEU A 521 2.07 6.15 -22.32
C LEU A 521 0.80 6.03 -21.48
N ASP A 522 0.02 7.10 -21.42
CA ASP A 522 -1.20 7.13 -20.61
C ASP A 522 -2.41 6.38 -21.22
N ASN A 523 -2.23 5.77 -22.40
CA ASN A 523 -3.26 4.87 -22.94
C ASN A 523 -2.69 3.49 -23.36
N CYS A 524 -1.58 3.10 -22.72
CA CYS A 524 -0.97 1.80 -23.00
C CYS A 524 -1.69 0.68 -22.28
N ASP A 525 -2.10 -0.36 -23.03
CA ASP A 525 -2.65 -1.57 -22.43
C ASP A 525 -1.69 -2.72 -22.70
N ILE A 526 -1.17 -3.32 -21.64
CA ILE A 526 -0.24 -4.45 -21.76
C ILE A 526 -0.95 -5.79 -21.77
N TYR A 527 -2.28 -5.80 -21.62
CA TYR A 527 -3.06 -7.04 -21.74
C TYR A 527 -2.59 -7.86 -22.95
N GLY A 528 -2.41 -9.15 -22.76
CA GLY A 528 -1.99 -10.02 -23.85
C GLY A 528 -0.54 -9.92 -24.29
N SER A 529 0.27 -9.10 -23.64
CA SER A 529 1.68 -8.98 -24.03
C SER A 529 2.51 -10.05 -23.34
N ALA A 530 3.07 -10.96 -24.13
CA ALA A 530 3.98 -12.00 -23.64
C ALA A 530 5.39 -11.44 -23.42
N ALA A 531 5.78 -10.45 -24.21
CA ALA A 531 7.00 -9.69 -23.98
C ALA A 531 6.98 -9.05 -22.59
N ALA A 532 5.91 -8.30 -22.29
CA ALA A 532 5.73 -7.71 -20.96
C ALA A 532 5.85 -8.81 -19.91
N GLY A 533 5.02 -9.84 -20.04
CA GLY A 533 5.05 -11.00 -19.15
C GLY A 533 6.42 -11.61 -18.91
N ALA A 534 7.24 -11.71 -19.95
CA ALA A 534 8.57 -12.30 -19.85
C ALA A 534 9.43 -11.52 -18.87
N ALA A 535 9.39 -10.19 -19.00
CA ALA A 535 10.03 -9.29 -18.07
C ALA A 535 9.56 -9.53 -16.62
N PHE A 536 8.26 -9.63 -16.43
CA PHE A 536 7.72 -9.93 -15.10
C PHE A 536 8.21 -11.28 -14.57
N HIS A 537 8.28 -12.26 -15.46
CA HIS A 537 8.71 -13.58 -15.06
C HIS A 537 10.17 -13.52 -14.62
N ASN A 538 11.02 -12.91 -15.44
CA ASN A 538 12.45 -12.77 -15.11
C ASN A 538 12.70 -12.09 -13.78
N MET A 539 11.96 -11.04 -13.51
CA MET A 539 12.13 -10.34 -12.25
C MET A 539 11.54 -11.09 -11.08
N LEU A 540 10.28 -11.50 -11.21
CA LEU A 540 9.55 -12.00 -10.06
C LEU A 540 10.05 -13.36 -9.59
N SER A 541 10.56 -14.17 -10.52
CA SER A 541 11.03 -15.51 -10.17
C SER A 541 12.25 -15.46 -9.24
N MET A 542 12.93 -14.33 -9.20
CA MET A 542 14.11 -14.15 -8.34
C MET A 542 13.75 -14.03 -6.85
N GLY A 543 12.52 -13.65 -6.53
CA GLY A 543 12.16 -13.33 -5.15
C GLY A 543 13.16 -12.35 -4.55
N ALA A 544 13.68 -12.68 -3.37
CA ALA A 544 14.71 -11.86 -2.73
C ALA A 544 16.12 -12.47 -2.87
N SER A 545 16.31 -13.36 -3.85
CA SER A 545 17.61 -14.03 -4.03
C SER A 545 18.76 -13.06 -4.31
N LYS A 546 18.46 -11.89 -4.87
CA LYS A 546 19.45 -10.86 -5.11
C LYS A 546 19.01 -9.50 -4.57
N PRO A 547 19.97 -8.60 -4.29
CA PRO A 547 19.62 -7.21 -3.98
C PRO A 547 18.69 -6.63 -5.06
N TRP A 548 17.78 -5.74 -4.68
CA TRP A 548 16.75 -5.27 -5.60
C TRP A 548 17.24 -4.63 -6.90
N PRO A 549 18.41 -3.97 -6.90
CA PRO A 549 18.80 -3.46 -8.23
C PRO A 549 18.99 -4.54 -9.30
N ASP A 550 19.32 -5.78 -8.89
CA ASP A 550 19.49 -6.90 -9.82
C ASP A 550 18.14 -7.39 -10.32
N ALA A 551 17.10 -7.24 -9.50
CA ALA A 551 15.74 -7.61 -9.90
C ALA A 551 15.20 -6.62 -10.93
N LEU A 552 15.47 -5.33 -10.72
CA LEU A 552 15.10 -4.30 -11.69
C LEU A 552 15.87 -4.50 -12.99
N GLU A 553 17.15 -4.81 -12.86
CA GLU A 553 17.98 -5.07 -14.05
C GLU A 553 17.41 -6.20 -14.89
N ALA A 554 16.98 -7.28 -14.23
CA ALA A 554 16.33 -8.41 -14.87
C ALA A 554 15.08 -8.00 -15.65
N PHE A 555 14.34 -7.01 -15.17
CA PHE A 555 13.15 -6.52 -15.85
C PHE A 555 13.47 -5.66 -17.08
N ASN A 556 14.32 -4.65 -16.91
CA ASN A 556 14.55 -3.65 -17.97
C ASN A 556 15.97 -3.13 -18.11
N GLY A 557 16.94 -3.80 -17.51
CA GLY A 557 18.35 -3.40 -17.59
C GLY A 557 18.76 -2.20 -16.76
N GLU A 558 17.82 -1.60 -16.01
CA GLU A 558 18.15 -0.48 -15.15
C GLU A 558 18.51 -1.00 -13.78
N ARG A 559 19.25 -0.20 -13.01
CA ARG A 559 19.61 -0.56 -11.64
C ARG A 559 19.30 0.55 -10.62
N ILE A 560 18.58 1.59 -11.03
CA ILE A 560 18.36 2.78 -10.19
C ILE A 560 16.87 3.10 -10.04
N MET A 561 16.45 3.41 -8.83
CA MET A 561 15.11 3.94 -8.62
C MET A 561 15.11 5.39 -9.11
N SER A 562 14.20 5.71 -10.02
CA SER A 562 14.14 7.03 -10.63
C SER A 562 12.71 7.57 -10.76
N GLY A 563 12.55 8.88 -10.58
CA GLY A 563 11.26 9.56 -10.78
C GLY A 563 11.04 10.01 -12.22
N LYS A 564 11.97 9.66 -13.10
CA LYS A 564 11.88 10.06 -14.50
C LYS A 564 10.63 9.51 -15.18
N ALA A 565 10.30 8.24 -14.93
CA ALA A 565 9.20 7.62 -15.65
C ALA A 565 7.84 8.20 -15.23
N ILE A 566 7.68 8.44 -13.94
CA ILE A 566 6.42 9.02 -13.45
C ILE A 566 6.25 10.45 -13.97
N ALA A 567 7.32 11.24 -13.97
CA ALA A 567 7.28 12.59 -14.53
C ALA A 567 6.94 12.54 -16.03
N GLU A 568 7.57 11.62 -16.74
CA GLU A 568 7.31 11.43 -18.17
C GLU A 568 5.83 11.13 -18.44
N TYR A 569 5.23 10.26 -17.63
CA TYR A 569 3.81 9.95 -17.74
C TYR A 569 2.92 11.19 -17.64
N PHE A 570 3.24 12.06 -16.67
CA PHE A 570 2.36 13.20 -16.35
C PHE A 570 2.77 14.50 -17.02
N GLU A 571 3.84 14.47 -17.79
CA GLU A 571 4.31 15.67 -18.47
C GLU A 571 3.25 16.40 -19.28
N PRO A 572 2.39 15.68 -20.02
CA PRO A 572 1.30 16.39 -20.71
C PRO A 572 0.35 17.09 -19.77
N LEU A 573 0.06 16.45 -18.64
CA LEU A 573 -0.79 17.07 -17.59
C LEU A 573 -0.13 18.32 -16.99
N ARG A 574 1.17 18.24 -16.74
CA ARG A 574 1.89 19.32 -16.08
C ARG A 574 1.86 20.59 -16.93
N VAL A 575 2.16 20.43 -18.21
CA VAL A 575 2.10 21.54 -19.14
C VAL A 575 0.70 22.15 -19.11
N TRP A 576 -0.32 21.33 -19.25
CA TRP A 576 -1.68 21.85 -19.31
C TRP A 576 -2.08 22.54 -18.00
N LEU A 577 -1.76 21.90 -16.87
CA LEU A 577 -2.22 22.34 -15.54
C LEU A 577 -1.54 23.62 -15.10
N GLU A 578 -0.26 23.75 -15.41
CA GLU A 578 0.47 24.95 -15.07
C GLU A 578 -0.17 26.15 -15.76
N ALA A 579 -0.51 25.97 -17.03
CA ALA A 579 -1.10 27.03 -17.83
C ALA A 579 -2.52 27.32 -17.34
N GLU A 580 -3.23 26.30 -16.90
CA GLU A 580 -4.61 26.46 -16.42
C GLU A 580 -4.68 27.20 -15.09
N ASN A 581 -3.72 26.95 -14.22
CA ASN A 581 -3.62 27.65 -12.95
C ASN A 581 -3.25 29.12 -13.16
N ILE A 582 -2.34 29.39 -14.11
CA ILE A 582 -2.01 30.76 -14.46
C ILE A 582 -3.22 31.46 -15.08
N LYS A 583 -3.93 30.80 -15.99
CA LYS A 583 -5.14 31.39 -16.61
C LYS A 583 -6.20 31.77 -15.59
N ASN A 584 -6.35 30.95 -14.55
CA ASN A 584 -7.37 31.17 -13.52
C ASN A 584 -6.82 31.83 -12.26
N ASN A 585 -5.56 32.27 -12.33
CA ASN A 585 -4.92 32.97 -11.22
C ASN A 585 -5.04 32.17 -9.92
N VAL A 586 -4.73 30.89 -10.01
CA VAL A 586 -4.93 29.97 -8.91
C VAL A 586 -3.83 30.17 -7.87
N HIS A 587 -4.23 30.37 -6.62
CA HIS A 587 -3.27 30.44 -5.53
C HIS A 587 -2.64 29.07 -5.31
N ILE A 588 -1.32 29.09 -5.13
CA ILE A 588 -0.56 27.87 -4.92
C ILE A 588 0.08 28.00 -3.55
N GLY A 589 0.14 26.90 -2.81
CA GLY A 589 0.77 26.89 -1.49
C GLY A 589 -0.28 27.08 -0.41
N TRP A 590 0.14 26.98 0.84
CA TRP A 590 -0.82 27.04 1.95
C TRP A 590 -0.21 27.57 3.23
N THR A 591 -1.06 28.21 4.04
CA THR A 591 -0.63 28.70 5.32
C THR A 591 -0.54 27.49 6.23
N THR A 592 0.04 27.70 7.40
CA THR A 592 0.14 26.67 8.42
C THR A 592 -1.23 26.45 9.04
N SER A 593 -1.62 25.19 9.20
CA SER A 593 -2.95 24.85 9.73
C SER A 593 -3.08 25.33 11.15
N ASN A 594 -4.32 25.66 11.53
CA ASN A 594 -4.71 26.03 12.90
CA ASN A 594 -4.57 25.96 12.95
C ASN A 594 -5.51 24.91 13.59
N LYS A 595 -5.46 23.70 13.02
CA LYS A 595 -6.34 22.61 13.41
C LYS A 595 -5.85 21.63 14.46
N CYS A 596 -4.60 21.74 14.89
CA CYS A 596 -4.08 20.92 15.98
C CYS A 596 -3.52 21.84 17.05
N VAL A 597 -4.16 21.85 18.21
CA VAL A 597 -3.79 22.71 19.30
C VAL A 597 -2.81 22.01 20.23
N SER A 598 -1.74 22.71 20.60
CA SER A 598 -0.76 22.17 21.54
C SER A 598 -1.16 22.52 22.96
C1 NAG B . 24.82 -6.40 19.12
C2 NAG B . 25.02 -7.87 18.77
C3 NAG B . 25.58 -8.65 19.95
C4 NAG B . 26.74 -7.92 20.58
C5 NAG B . 26.46 -6.44 20.80
C6 NAG B . 27.73 -5.73 21.25
C7 NAG B . 23.49 -8.90 17.18
C8 NAG B . 22.10 -9.45 16.93
N2 NAG B . 23.73 -8.43 18.38
O3 NAG B . 26.01 -9.93 19.53
O4 NAG B . 27.00 -8.52 21.82
O5 NAG B . 26.01 -5.83 19.61
O6 NAG B . 27.44 -4.39 21.54
O7 NAG B . 24.33 -8.92 16.29
C1 NAG B . 28.30 -9.12 21.92
C2 NAG B . 28.48 -9.48 23.37
C3 NAG B . 29.88 -10.04 23.61
C4 NAG B . 30.07 -11.26 22.71
C5 NAG B . 29.68 -10.94 21.27
C6 NAG B . 29.61 -12.21 20.46
C7 NAG B . 28.71 -7.30 24.54
C8 NAG B . 28.00 -6.26 25.36
N2 NAG B . 28.00 -8.36 24.20
O3 NAG B . 30.01 -10.47 24.96
O4 NAG B . 31.43 -11.66 22.70
O5 NAG B . 28.42 -10.29 21.16
O6 NAG B . 29.72 -11.83 19.12
O7 NAG B . 29.89 -7.15 24.20
C1 BMA B . 31.75 -12.77 23.56
C2 BMA B . 32.86 -13.61 22.92
C3 BMA B . 33.37 -14.71 23.86
C4 BMA B . 33.63 -14.16 25.26
C5 BMA B . 32.39 -13.40 25.75
C6 BMA B . 32.54 -12.89 27.19
O2 BMA B . 33.94 -12.78 22.52
O3 BMA B . 34.56 -15.31 23.37
O4 BMA B . 33.90 -15.25 26.11
O5 BMA B . 32.17 -12.33 24.85
O6 BMA B . 32.16 -11.53 27.33
C1 MAN B . 34.33 -16.60 22.74
C2 MAN B . 35.58 -17.46 22.83
C3 MAN B . 36.71 -16.89 21.98
C4 MAN B . 36.20 -16.65 20.56
C5 MAN B . 34.89 -15.83 20.57
C6 MAN B . 34.29 -15.66 19.18
O2 MAN B . 35.28 -18.78 22.40
O3 MAN B . 37.80 -17.78 21.95
O4 MAN B . 37.20 -15.97 19.85
O5 MAN B . 33.94 -16.48 21.39
O6 MAN B . 34.87 -16.58 18.28
C1 BMA B . 34.53 -16.34 16.91
C2 BMA B . 35.58 -15.46 16.24
C3 BMA B . 36.63 -16.31 15.53
C4 BMA B . 36.85 -17.62 16.27
C5 BMA B . 35.54 -18.41 16.23
C6 BMA B . 35.43 -19.38 17.40
O2 BMA B . 36.21 -14.62 17.17
O3 BMA B . 37.83 -15.59 15.31
O4 BMA B . 37.86 -18.36 15.62
O5 BMA B . 34.40 -17.55 16.18
O6 BMA B . 35.30 -20.70 16.92
C1 MAN B . 31.55 -11.26 28.61
C2 MAN B . 30.02 -11.51 28.50
C3 MAN B . 29.10 -10.28 28.42
C4 MAN B . 29.69 -9.04 29.09
C5 MAN B . 31.12 -8.87 28.61
C6 MAN B . 31.75 -7.55 29.07
O2 MAN B . 29.61 -12.36 29.56
O3 MAN B . 27.81 -10.51 28.96
O4 MAN B . 28.89 -7.95 28.73
O5 MAN B . 31.89 -9.96 29.09
O6 MAN B . 31.07 -7.02 30.18
CBM 3ES C . -0.66 -7.65 1.56
OAB 3ES C . -1.72 -8.27 1.47
OBJ 3ES C . 0.50 -8.35 1.60
CBB 3ES C . 1.38 -8.28 0.51
CBP 3ES C . 2.55 -8.98 0.79
CAQ 3ES C . 3.78 -8.47 0.38
CAK 3ES C . 4.96 -9.17 0.65
CAH 3ES C . 4.91 -10.39 1.33
CAL 3ES C . 3.68 -10.89 1.74
CAR 3ES C . 2.50 -10.19 1.47
OAD 3ES C . -2.41 -5.57 -0.76
PBY 3ES C . -2.33 -4.60 0.34
OAG 3ES C . -1.43 -3.44 0.29
CBX 3ES C . -1.96 -5.60 1.86
NBI 3ES C . -0.68 -6.33 1.74
CBE 3ES C . -1.87 -4.72 3.11
CBQ 3ES C . -1.60 -5.56 4.20
CAS 3ES C . -2.61 -6.28 4.84
CAM 3ES C . -2.31 -7.11 5.92
CAI 3ES C . -1.01 -7.25 6.37
CAN 3ES C . 0.02 -6.55 5.75
CAT 3ES C . -0.28 -5.72 4.67
CBC 3ES C . -4.12 -2.82 -1.63
CBS 3ES C . -4.83 -1.82 -2.58
CBA 3ES C . -5.79 -0.93 -2.32
OBK 3ES C . -4.50 -1.69 -3.91
NBG 3ES C . -5.30 -0.65 -4.48
CBU 3ES C . -6.05 -0.25 -3.45
CBT 3ES C . -6.95 0.73 -3.57
CAU 3ES C . -7.31 1.49 -2.44
CAO 3ES C . -8.23 2.52 -2.58
CAJ 3ES C . -8.79 2.81 -3.83
CAP 3ES C . -8.40 2.07 -4.95
CAV 3ES C . -7.48 1.03 -4.82
CBF 3ES C . -4.12 -3.94 0.64
CBV 3ES C . -4.44 -2.62 -0.14
CBN 3ES C . -3.67 -1.45 0.54
OAC 3ES C . -3.27 -1.57 1.70
N 3ES C . -3.49 -0.31 -0.17
CA 3ES C . -2.88 0.89 0.47
C 3ES C . -3.94 1.50 1.41
O 3ES C . -3.58 2.44 2.15
CB 3ES C . -2.46 2.02 -0.44
CG 3ES C . -2.62 1.85 -1.83
CD1 3ES C . -3.54 2.62 -2.54
CD2 3ES C . -1.76 1.01 -2.54
CE1 3ES C . -3.66 2.49 -3.93
CE2 3ES C . -1.86 0.88 -3.92
CZ 3ES C . -2.80 1.63 -4.61
OH 3ES C . -2.88 1.50 -5.96
OXT 3ES C . -5.10 1.04 1.34
S SO4 D . 4.81 -7.55 6.08
O1 SO4 D . 3.86 -6.81 6.95
O2 SO4 D . 6.17 -6.94 6.20
O3 SO4 D . 4.37 -7.51 4.67
O4 SO4 D . 4.89 -8.95 6.54
S SO4 E . 5.18 -10.89 10.07
O1 SO4 E . 4.03 -11.01 9.15
O2 SO4 E . 5.20 -9.54 10.68
O3 SO4 E . 6.44 -11.10 9.32
O4 SO4 E . 5.04 -11.89 11.15
S SO4 F . 10.05 -5.34 12.15
O1 SO4 F . 9.28 -4.17 12.65
O2 SO4 F . 11.49 -5.18 12.43
O3 SO4 F . 9.83 -5.50 10.69
O4 SO4 F . 9.57 -6.55 12.88
S SO4 G . 3.98 -9.07 -27.33
O1 SO4 G . 3.29 -7.92 -26.69
O2 SO4 G . 5.08 -8.54 -28.17
O3 SO4 G . 3.03 -9.84 -28.16
O4 SO4 G . 4.51 -9.97 -26.29
ZN ZN H . -0.48 -4.62 -1.55
C1 NAG I . 5.44 -18.51 -22.44
C2 NAG I . 5.85 -17.89 -23.79
C3 NAG I . 7.06 -18.55 -24.47
C4 NAG I . 8.12 -18.99 -23.47
C5 NAG I . 7.48 -19.72 -22.30
C6 NAG I . 8.54 -20.23 -21.33
C7 NAG I . 4.61 -16.95 -25.68
C8 NAG I . 3.37 -16.98 -26.54
N2 NAG I . 4.70 -17.84 -24.69
O3 NAG I . 7.64 -17.62 -25.36
O4 NAG I . 9.09 -19.83 -24.08
O5 NAG I . 6.58 -18.82 -21.65
O6 NAG I . 8.08 -20.11 -20.00
O7 NAG I . 5.49 -16.13 -25.93
C1 NAG J . -14.97 -18.55 14.39
C2 NAG J . -15.85 -19.64 13.79
C3 NAG J . -16.38 -20.67 14.81
C4 NAG J . -15.42 -20.98 15.96
C5 NAG J . -14.70 -19.70 16.43
C6 NAG J . -13.65 -19.95 17.51
C7 NAG J . -17.05 -19.04 11.74
C8 NAG J . -18.25 -18.35 11.15
N2 NAG J . -16.95 -19.02 13.07
O3 NAG J . -16.66 -21.88 14.14
O4 NAG J . -16.14 -21.57 17.02
O5 NAG J . -14.07 -19.13 15.31
O6 NAG J . -13.68 -18.91 18.47
O7 NAG J . -16.25 -19.59 10.98
#